data_8ZMY
#
_entry.id   8ZMY
#
loop_
_entity.id
_entity.type
_entity.pdbx_description
1 polymer Alpha-synuclein
2 non-polymer 2-bromanyl-4-[(~{E})-2-[6-[2-(2-fluoranylethoxy)ethyl-methyl-amino]-5-methyl-1,3-benzothiazol-2-yl]ethenyl]phenol
#
_entity_poly.entity_id   1
_entity_poly.type   'polypeptide(L)'
_entity_poly.pdbx_seq_one_letter_code
;(ACE)MDVFMKGLSKAKEGVVAAAEKTKQGVAEAAGKTKEGVLYVGSKTKEGVVHGVATVAEKTKEQVTNVGGAVVTGVT
AVAQKTVEGAGSIAAATGFVKKD
;
_entity_poly.pdbx_strand_id   A,B,C,D,E,F,G,H,I,J,K,L
#
# COMPACT_ATOMS: atom_id res chain seq x y z
N MET A 2 -8.78 1.01 -7.82
CA MET A 2 -9.39 1.16 -6.51
C MET A 2 -10.79 0.56 -6.48
N ASP A 3 -10.88 -0.75 -6.32
CA ASP A 3 -12.17 -1.44 -6.22
C ASP A 3 -12.58 -1.53 -4.76
N VAL A 4 -13.58 -0.75 -4.36
CA VAL A 4 -13.78 -0.52 -2.94
C VAL A 4 -14.88 -1.40 -2.35
N PHE A 5 -16.11 -1.22 -2.79
CA PHE A 5 -17.24 -1.97 -2.23
C PHE A 5 -17.81 -2.91 -3.28
N MET A 6 -17.75 -4.20 -3.02
CA MET A 6 -18.16 -5.19 -4.00
C MET A 6 -18.94 -6.29 -3.31
N LYS A 7 -19.95 -6.82 -4.00
CA LYS A 7 -20.73 -7.95 -3.51
C LYS A 7 -20.98 -8.85 -4.71
N GLY A 8 -20.08 -9.80 -4.92
CA GLY A 8 -20.17 -10.68 -6.07
C GLY A 8 -18.82 -11.08 -6.61
N LEU A 9 -18.68 -11.15 -7.93
CA LEU A 9 -17.40 -11.50 -8.54
C LEU A 9 -16.70 -10.24 -8.99
N SER A 10 -15.44 -10.09 -8.59
CA SER A 10 -14.61 -8.96 -8.98
C SER A 10 -13.29 -9.53 -9.50
N LYS A 11 -13.07 -9.39 -10.81
CA LYS A 11 -11.91 -9.98 -11.47
C LYS A 11 -11.83 -11.48 -11.21
N ALA A 12 -12.95 -12.17 -11.40
CA ALA A 12 -13.01 -13.58 -11.07
C ALA A 12 -13.66 -14.34 -12.22
N LYS A 13 -13.84 -15.65 -12.00
CA LYS A 13 -14.43 -16.52 -12.99
C LYS A 13 -15.21 -17.62 -12.28
N GLU A 14 -16.38 -17.95 -12.80
CA GLU A 14 -17.13 -19.13 -12.41
C GLU A 14 -17.44 -19.13 -10.92
N GLY A 15 -18.25 -18.17 -10.51
CA GLY A 15 -18.62 -18.00 -9.12
C GLY A 15 -20.11 -18.18 -8.90
N VAL A 16 -20.44 -18.66 -7.70
CA VAL A 16 -21.82 -18.77 -7.25
C VAL A 16 -21.87 -18.08 -5.89
N VAL A 17 -22.41 -16.87 -5.85
CA VAL A 17 -22.39 -16.04 -4.66
C VAL A 17 -23.82 -15.74 -4.24
N ALA A 18 -24.06 -15.84 -2.93
CA ALA A 18 -25.35 -15.49 -2.35
C ALA A 18 -25.10 -14.63 -1.12
N ALA A 19 -25.62 -13.41 -1.13
CA ALA A 19 -25.41 -12.47 -0.04
C ALA A 19 -26.73 -11.93 0.46
N ALA A 20 -26.94 -11.99 1.76
CA ALA A 20 -28.12 -11.44 2.41
C ALA A 20 -27.77 -10.08 2.99
N GLU A 21 -28.73 -9.47 3.69
CA GLU A 21 -28.51 -8.15 4.26
C GLU A 21 -29.30 -8.03 5.56
N LYS A 22 -29.13 -6.90 6.23
CA LYS A 22 -29.62 -6.72 7.58
C LYS A 22 -31.15 -6.78 7.63
N THR A 23 -31.67 -7.04 8.83
CA THR A 23 -33.09 -7.07 9.08
C THR A 23 -33.40 -6.26 10.34
N LYS A 24 -34.64 -5.81 10.45
CA LYS A 24 -35.11 -5.10 11.63
C LYS A 24 -36.56 -5.46 11.87
N GLN A 25 -36.87 -5.87 13.10
CA GLN A 25 -38.23 -6.19 13.48
C GLN A 25 -38.44 -5.70 14.90
N GLY A 26 -39.26 -4.68 15.06
CA GLY A 26 -39.49 -4.11 16.38
C GLY A 26 -38.28 -3.35 16.88
N VAL A 27 -37.94 -2.26 16.20
CA VAL A 27 -36.81 -1.43 16.56
C VAL A 27 -37.31 -0.01 16.79
N ALA A 28 -36.85 0.61 17.86
CA ALA A 28 -37.17 2.00 18.16
C ALA A 28 -35.87 2.74 18.39
N GLU A 29 -35.45 3.54 17.42
CA GLU A 29 -34.25 4.35 17.52
C GLU A 29 -34.64 5.80 17.77
N ALA A 30 -33.75 6.54 18.44
CA ALA A 30 -34.00 7.93 18.73
C ALA A 30 -32.69 8.70 18.63
N ALA A 31 -32.63 9.65 17.70
CA ALA A 31 -31.49 10.54 17.55
C ALA A 31 -30.19 9.78 17.32
N GLY A 32 -30.25 8.77 16.46
CA GLY A 32 -29.08 7.99 16.11
C GLY A 32 -28.47 8.44 14.80
N LYS A 33 -27.18 8.23 14.65
CA LYS A 33 -26.47 8.46 13.40
C LYS A 33 -26.02 7.13 12.83
N THR A 34 -25.67 7.13 11.54
CA THR A 34 -25.29 5.90 10.88
C THR A 34 -24.53 6.23 9.60
N LYS A 35 -23.49 5.45 9.32
CA LYS A 35 -22.74 5.55 8.08
C LYS A 35 -22.38 4.16 7.63
N GLU A 36 -22.92 3.72 6.49
CA GLU A 36 -22.65 2.38 5.96
C GLU A 36 -22.17 2.53 4.53
N GLY A 37 -20.90 2.25 4.30
CA GLY A 37 -20.36 2.34 2.96
C GLY A 37 -20.09 3.78 2.56
N VAL A 38 -19.25 4.45 3.33
CA VAL A 38 -18.86 5.82 3.07
C VAL A 38 -17.39 5.85 2.70
N LEU A 39 -17.06 6.58 1.65
CA LEU A 39 -15.68 6.63 1.15
C LEU A 39 -15.33 8.08 0.82
N TYR A 40 -14.35 8.62 1.52
CA TYR A 40 -13.82 9.95 1.24
C TYR A 40 -12.47 9.82 0.55
N VAL A 41 -12.23 10.65 -0.46
CA VAL A 41 -10.96 10.69 -1.16
C VAL A 41 -10.56 12.15 -1.29
N GLY A 42 -9.51 12.55 -0.59
CA GLY A 42 -9.03 13.91 -0.67
C GLY A 42 -10.02 14.96 -0.26
N SER A 43 -11.07 14.59 0.47
CA SER A 43 -12.10 15.53 0.88
C SER A 43 -11.81 16.07 2.26
N LYS A 44 -12.52 17.13 2.61
CA LYS A 44 -12.37 17.78 3.92
C LYS A 44 -13.75 18.16 4.42
N THR A 45 -14.16 17.59 5.55
CA THR A 45 -15.51 17.77 6.06
C THR A 45 -15.48 18.33 7.47
N LYS A 46 -16.67 18.70 7.94
CA LYS A 46 -16.85 19.16 9.32
C LYS A 46 -18.32 18.93 9.65
N GLU A 47 -18.59 17.87 10.41
CA GLU A 47 -19.95 17.40 10.62
C GLU A 47 -20.30 17.45 12.10
N GLY A 48 -21.52 17.86 12.40
CA GLY A 48 -22.08 17.74 13.73
C GLY A 48 -21.30 18.46 14.82
N VAL A 49 -21.27 19.78 14.78
CA VAL A 49 -20.63 20.55 15.84
C VAL A 49 -21.68 21.41 16.51
N VAL A 50 -21.47 21.68 17.80
CA VAL A 50 -22.31 22.57 18.58
C VAL A 50 -21.39 23.55 19.28
N HIS A 51 -21.56 24.83 18.98
CA HIS A 51 -20.56 25.82 19.34
C HIS A 51 -21.23 27.09 19.84
N GLY A 52 -20.68 27.65 20.90
CA GLY A 52 -21.13 28.93 21.41
C GLY A 52 -22.57 28.95 21.87
N VAL A 53 -22.86 28.24 22.96
CA VAL A 53 -24.19 28.18 23.54
C VAL A 53 -24.16 28.88 24.89
N ALA A 54 -25.13 29.76 25.12
CA ALA A 54 -25.26 30.47 26.37
C ALA A 54 -26.68 30.31 26.90
N THR A 55 -26.82 30.38 28.21
CA THR A 55 -28.12 30.23 28.85
C THR A 55 -28.09 30.93 30.19
N VAL A 56 -28.97 31.91 30.38
CA VAL A 56 -29.01 32.70 31.59
C VAL A 56 -30.39 32.59 32.22
N ALA A 57 -30.43 32.53 33.54
CA ALA A 57 -31.67 32.52 34.28
C ALA A 57 -31.54 33.49 35.45
N GLU A 58 -32.63 34.15 35.80
CA GLU A 58 -32.60 35.10 36.90
C GLU A 58 -33.99 35.24 37.47
N LYS A 59 -34.16 34.86 38.73
CA LYS A 59 -35.43 34.98 39.44
C LYS A 59 -36.55 34.24 38.74
N THR A 60 -36.23 33.33 37.83
CA THR A 60 -37.23 32.54 37.14
C THR A 60 -37.57 31.29 37.94
N LYS A 61 -38.78 30.77 37.71
CA LYS A 61 -39.25 29.63 38.46
C LYS A 61 -38.94 28.30 37.79
N GLU A 62 -38.67 28.30 36.49
CA GLU A 62 -38.37 27.05 35.79
C GLU A 62 -37.84 27.38 34.41
N GLN A 63 -36.82 26.64 33.98
CA GLN A 63 -36.24 26.82 32.65
C GLN A 63 -35.69 25.49 32.17
N VAL A 64 -36.24 24.99 31.07
CA VAL A 64 -35.82 23.71 30.51
C VAL A 64 -35.39 23.96 29.07
N THR A 65 -34.12 23.74 28.78
CA THR A 65 -33.56 24.01 27.46
C THR A 65 -32.83 22.79 26.95
N ASN A 66 -32.93 22.56 25.65
CA ASN A 66 -32.20 21.48 24.99
C ASN A 66 -31.57 22.03 23.72
N VAL A 67 -30.27 21.81 23.58
CA VAL A 67 -29.55 22.17 22.36
C VAL A 67 -28.78 20.95 21.92
N GLY A 68 -28.68 20.75 20.61
CA GLY A 68 -27.96 19.58 20.12
C GLY A 68 -28.11 19.42 18.64
N GLY A 69 -27.49 18.36 18.14
CA GLY A 69 -27.68 18.00 16.75
C GLY A 69 -29.04 17.40 16.49
N ALA A 70 -29.60 16.71 17.47
CA ALA A 70 -30.92 16.12 17.34
C ALA A 70 -31.51 15.99 18.74
N VAL A 71 -32.63 16.66 18.98
CA VAL A 71 -33.28 16.66 20.28
C VAL A 71 -34.58 15.89 20.14
N VAL A 72 -34.76 14.88 20.99
CA VAL A 72 -35.97 14.06 21.00
C VAL A 72 -36.51 14.09 22.42
N THR A 73 -37.69 14.68 22.58
CA THR A 73 -38.34 14.80 23.89
C THR A 73 -39.77 14.30 23.72
N GLY A 74 -39.94 12.99 23.84
CA GLY A 74 -41.24 12.41 23.63
C GLY A 74 -41.19 10.91 23.73
N VAL A 75 -42.21 10.26 23.18
CA VAL A 75 -42.35 8.82 23.24
C VAL A 75 -42.10 8.25 21.86
N THR A 76 -41.21 7.27 21.78
CA THR A 76 -40.93 6.54 20.54
C THR A 76 -41.16 5.06 20.87
N ALA A 77 -42.39 4.61 20.70
CA ALA A 77 -42.78 3.28 21.14
C ALA A 77 -43.18 2.42 19.95
N VAL A 78 -43.00 1.12 20.11
CA VAL A 78 -43.41 0.12 19.14
C VAL A 78 -44.12 -1.00 19.89
N ALA A 79 -45.22 -1.48 19.36
CA ALA A 79 -45.98 -2.56 19.97
C ALA A 79 -46.39 -3.55 18.90
N GLN A 80 -45.98 -4.80 19.05
CA GLN A 80 -46.29 -5.83 18.09
C GLN A 80 -47.04 -6.97 18.76
N LYS A 81 -47.80 -7.71 17.96
CA LYS A 81 -48.55 -8.84 18.47
C LYS A 81 -48.92 -9.73 17.29
N THR A 82 -48.47 -10.98 17.33
CA THR A 82 -48.71 -11.95 16.26
C THR A 82 -48.20 -11.42 14.92
N VAL A 83 -46.95 -10.93 14.95
CA VAL A 83 -46.26 -10.45 13.77
C VAL A 83 -45.30 -11.54 13.32
N GLU A 84 -45.22 -11.77 12.02
CA GLU A 84 -44.53 -12.94 11.51
C GLU A 84 -43.83 -12.60 10.20
N GLY A 85 -42.50 -12.60 10.22
CA GLY A 85 -41.72 -12.68 9.01
C GLY A 85 -41.18 -11.38 8.49
N ALA A 86 -39.91 -11.10 8.77
CA ALA A 86 -39.20 -10.01 8.11
C ALA A 86 -37.73 -10.43 8.04
N GLY A 87 -37.37 -11.07 6.94
CA GLY A 87 -36.02 -11.59 6.79
C GLY A 87 -35.60 -11.54 5.35
N SER A 88 -34.30 -11.35 5.15
CA SER A 88 -33.71 -11.28 3.81
C SER A 88 -33.10 -12.63 3.47
N ILE A 89 -33.59 -13.25 2.41
CA ILE A 89 -33.14 -14.56 1.97
C ILE A 89 -32.43 -14.38 0.63
N ALA A 90 -31.34 -15.13 0.43
CA ALA A 90 -30.59 -15.10 -0.81
C ALA A 90 -30.20 -16.51 -1.16
N ALA A 91 -30.61 -16.98 -2.33
CA ALA A 91 -30.30 -18.32 -2.79
C ALA A 91 -29.63 -18.24 -4.16
N ALA A 92 -28.58 -19.03 -4.34
CA ALA A 92 -27.84 -19.06 -5.59
C ALA A 92 -27.47 -20.49 -5.92
N THR A 93 -27.56 -20.84 -7.20
CA THR A 93 -27.25 -22.18 -7.66
C THR A 93 -26.70 -22.09 -9.07
N GLY A 94 -25.60 -22.77 -9.33
CA GLY A 94 -24.97 -22.69 -10.63
C GLY A 94 -24.09 -23.88 -10.92
N PHE A 95 -23.82 -24.10 -12.19
CA PHE A 95 -22.91 -25.15 -12.65
C PHE A 95 -23.35 -26.51 -12.13
N VAL A 96 -24.61 -26.83 -12.37
CA VAL A 96 -25.19 -28.11 -12.03
C VAL A 96 -25.32 -28.93 -13.31
N LYS A 97 -24.93 -30.20 -13.25
CA LYS A 97 -25.03 -31.08 -14.40
C LYS A 97 -25.82 -32.30 -13.97
N LYS A 98 -27.15 -32.19 -14.01
CA LYS A 98 -28.04 -33.29 -13.71
C LYS A 98 -28.29 -34.08 -14.98
N ASP A 99 -27.69 -35.25 -15.07
CA ASP A 99 -27.72 -36.06 -16.29
C ASP A 99 -28.51 -37.34 -16.06
N MET B 2 -6.00 -1.39 -4.79
CA MET B 2 -6.60 -1.23 -3.46
C MET B 2 -8.00 -1.81 -3.42
N ASP B 3 -8.10 -3.13 -3.23
CA ASP B 3 -9.40 -3.80 -3.13
C ASP B 3 -9.80 -3.86 -1.66
N VAL B 4 -10.78 -3.07 -1.26
CA VAL B 4 -10.97 -2.83 0.16
C VAL B 4 -12.07 -3.69 0.77
N PHE B 5 -13.32 -3.50 0.33
CA PHE B 5 -14.43 -4.24 0.91
C PHE B 5 -15.02 -5.18 -0.13
N MET B 6 -14.97 -6.47 0.15
CA MET B 6 -15.41 -7.46 -0.82
C MET B 6 -16.19 -8.56 -0.11
N LYS B 7 -17.20 -9.08 -0.80
CA LYS B 7 -18.00 -10.19 -0.28
C LYS B 7 -18.26 -11.12 -1.48
N GLY B 8 -17.37 -12.07 -1.69
CA GLY B 8 -17.49 -12.96 -2.82
C GLY B 8 -16.14 -13.38 -3.37
N LEU B 9 -16.02 -13.46 -4.69
CA LEU B 9 -14.74 -13.83 -5.30
C LEU B 9 -14.03 -12.57 -5.77
N SER B 10 -12.77 -12.44 -5.38
CA SER B 10 -11.92 -11.32 -5.79
C SER B 10 -10.62 -11.90 -6.32
N LYS B 11 -10.40 -11.78 -7.63
CA LYS B 11 -9.25 -12.38 -8.29
C LYS B 11 -9.19 -13.88 -8.02
N ALA B 12 -10.31 -14.56 -8.20
CA ALA B 12 -10.40 -15.97 -7.86
C ALA B 12 -11.06 -16.74 -8.99
N LYS B 13 -11.24 -18.04 -8.76
CA LYS B 13 -11.86 -18.93 -9.74
C LYS B 13 -12.63 -20.00 -9.01
N GLU B 14 -13.82 -20.32 -9.51
CA GLU B 14 -14.56 -21.50 -9.11
C GLU B 14 -14.87 -21.47 -7.62
N GLY B 15 -15.67 -20.50 -7.21
CA GLY B 15 -16.02 -20.32 -5.82
C GLY B 15 -17.50 -20.49 -5.58
N VAL B 16 -17.84 -20.95 -4.38
CA VAL B 16 -19.22 -21.04 -3.91
C VAL B 16 -19.25 -20.34 -2.56
N VAL B 17 -19.78 -19.13 -2.54
CA VAL B 17 -19.74 -18.28 -1.35
C VAL B 17 -21.16 -17.97 -0.91
N ALA B 18 -21.40 -18.04 0.40
CA ALA B 18 -22.68 -17.67 0.98
C ALA B 18 -22.41 -16.82 2.20
N ALA B 19 -22.92 -15.59 2.19
CA ALA B 19 -22.68 -14.65 3.27
C ALA B 19 -24.00 -14.08 3.76
N ALA B 20 -24.20 -14.13 5.07
CA ALA B 20 -25.37 -13.57 5.73
C ALA B 20 -25.01 -12.20 6.29
N GLU B 21 -25.95 -11.58 7.00
CA GLU B 21 -25.72 -10.25 7.54
C GLU B 21 -26.48 -10.12 8.85
N LYS B 22 -26.31 -8.98 9.51
CA LYS B 22 -26.80 -8.78 10.86
C LYS B 22 -28.31 -8.83 10.93
N THR B 23 -28.82 -9.08 12.14
CA THR B 23 -30.26 -9.09 12.40
C THR B 23 -30.53 -8.27 13.65
N LYS B 24 -31.77 -7.80 13.77
CA LYS B 24 -32.21 -7.07 14.94
C LYS B 24 -33.67 -7.42 15.20
N GLN B 25 -33.98 -7.81 16.43
CA GLN B 25 -35.34 -8.12 16.83
C GLN B 25 -35.54 -7.61 18.25
N GLY B 26 -36.34 -6.57 18.40
CA GLY B 26 -36.55 -6.00 19.71
C GLY B 26 -35.34 -5.25 20.19
N VAL B 27 -34.99 -4.17 19.51
CA VAL B 27 -33.85 -3.35 19.85
C VAL B 27 -34.33 -1.92 20.07
N ALA B 28 -33.87 -1.30 21.14
CA ALA B 28 -34.17 0.10 21.42
C ALA B 28 -32.85 0.83 21.63
N GLU B 29 -32.44 1.62 20.65
CA GLU B 29 -31.23 2.42 20.74
C GLU B 29 -31.60 3.88 20.97
N ALA B 30 -30.71 4.60 21.63
CA ALA B 30 -30.93 6.02 21.90
C ALA B 30 -29.62 6.76 21.79
N ALA B 31 -29.55 7.70 20.86
CA ALA B 31 -28.41 8.60 20.69
C ALA B 31 -27.11 7.81 20.46
N GLY B 32 -27.19 6.79 19.61
CA GLY B 32 -26.03 6.01 19.26
C GLY B 32 -25.44 6.43 17.93
N LYS B 33 -24.14 6.20 17.77
CA LYS B 33 -23.45 6.42 16.52
C LYS B 33 -23.01 5.07 15.96
N THR B 34 -22.66 5.06 14.67
CA THR B 34 -22.31 3.82 14.01
C THR B 34 -21.56 4.13 12.73
N LYS B 35 -20.53 3.34 12.44
CA LYS B 35 -19.79 3.43 11.19
C LYS B 35 -19.44 2.02 10.75
N GLU B 36 -19.99 1.58 9.63
CA GLU B 36 -19.74 0.24 9.11
C GLU B 36 -19.27 0.37 7.67
N GLY B 37 -18.00 0.07 7.43
CA GLY B 37 -17.48 0.15 6.09
C GLY B 37 -17.20 1.57 5.67
N VAL B 38 -16.35 2.24 6.43
CA VAL B 38 -15.95 3.62 6.15
C VAL B 38 -14.47 3.63 5.77
N LEU B 39 -14.14 4.35 4.71
CA LEU B 39 -12.78 4.37 4.20
C LEU B 39 -12.41 5.81 3.86
N TYR B 40 -11.42 6.35 4.55
CA TYR B 40 -10.88 7.67 4.25
C TYR B 40 -9.53 7.53 3.56
N VAL B 41 -9.30 8.35 2.53
CA VAL B 41 -8.04 8.37 1.82
C VAL B 41 -7.62 9.83 1.67
N GLY B 42 -6.56 10.22 2.36
CA GLY B 42 -6.07 11.58 2.25
C GLY B 42 -7.05 12.64 2.67
N SER B 43 -8.08 12.28 3.41
CA SER B 43 -9.11 13.22 3.82
C SER B 43 -8.80 13.79 5.20
N LYS B 44 -9.51 14.86 5.54
CA LYS B 44 -9.34 15.52 6.84
C LYS B 44 -10.71 15.92 7.35
N THR B 45 -11.12 15.35 8.48
CA THR B 45 -12.46 15.55 9.00
C THR B 45 -12.41 16.12 10.41
N LYS B 46 -13.59 16.51 10.89
CA LYS B 46 -13.76 16.99 12.25
C LYS B 46 -15.23 16.77 12.61
N GLU B 47 -15.50 15.74 13.38
CA GLU B 47 -16.86 15.26 13.61
C GLU B 47 -17.20 15.34 15.09
N GLY B 48 -18.41 15.76 15.39
CA GLY B 48 -18.96 15.66 16.73
C GLY B 48 -18.17 16.38 17.80
N VAL B 49 -18.13 17.71 17.74
CA VAL B 49 -17.48 18.47 18.80
C VAL B 49 -18.51 19.36 19.47
N VAL B 50 -18.28 19.63 20.75
CA VAL B 50 -19.12 20.54 21.53
C VAL B 50 -18.18 21.51 22.21
N HIS B 51 -18.33 22.79 21.91
CA HIS B 51 -17.32 23.78 22.24
C HIS B 51 -17.98 25.05 22.74
N GLY B 52 -17.41 25.62 23.79
CA GLY B 52 -17.86 26.91 24.29
C GLY B 52 -19.29 26.94 24.77
N VAL B 53 -19.57 26.25 25.86
CA VAL B 53 -20.90 26.22 26.46
C VAL B 53 -20.86 26.93 27.79
N ALA B 54 -21.81 27.82 28.02
CA ALA B 54 -21.93 28.53 29.28
C ALA B 54 -23.33 28.39 29.81
N THR B 55 -23.47 28.49 31.14
CA THR B 55 -24.77 28.34 31.77
C THR B 55 -24.72 29.06 33.11
N VAL B 56 -25.59 30.04 33.30
CA VAL B 56 -25.60 30.85 34.51
C VAL B 56 -26.98 30.76 35.14
N ALA B 57 -27.01 30.70 36.46
CA ALA B 57 -28.25 30.71 37.22
C ALA B 57 -28.10 31.70 38.37
N GLU B 58 -29.18 32.36 38.73
CA GLU B 58 -29.13 33.33 39.82
C GLU B 58 -30.52 33.49 40.40
N LYS B 59 -30.68 33.12 41.66
CA LYS B 59 -31.95 33.25 42.38
C LYS B 59 -33.09 32.52 41.69
N THR B 60 -32.77 31.60 40.79
CA THR B 60 -33.79 30.82 40.12
C THR B 60 -34.13 29.58 40.92
N LYS B 61 -35.34 29.08 40.71
CA LYS B 61 -35.83 27.94 41.48
C LYS B 61 -35.53 26.59 40.82
N GLU B 62 -35.28 26.58 39.51
CA GLU B 62 -34.99 25.33 38.83
C GLU B 62 -34.47 25.63 37.44
N GLN B 63 -33.46 24.88 37.01
CA GLN B 63 -32.89 25.05 35.67
C GLN B 63 -32.36 23.71 35.20
N VAL B 64 -32.91 23.19 34.11
CA VAL B 64 -32.51 21.92 33.55
C VAL B 64 -32.10 22.15 32.12
N THR B 65 -30.82 21.92 31.82
CA THR B 65 -30.28 22.17 30.49
C THR B 65 -29.56 20.93 29.99
N ASN B 66 -29.67 20.68 28.68
CA ASN B 66 -28.96 19.60 28.03
C ASN B 66 -28.34 20.13 26.76
N VAL B 67 -27.04 19.90 26.60
CA VAL B 67 -26.32 20.24 25.39
C VAL B 67 -25.57 19.00 24.94
N GLY B 68 -25.49 18.79 23.63
CA GLY B 68 -24.78 17.62 23.16
C GLY B 68 -24.94 17.44 21.67
N GLY B 69 -24.34 16.36 21.17
CA GLY B 69 -24.53 15.99 19.79
C GLY B 69 -25.90 15.41 19.54
N ALA B 70 -26.46 14.74 20.53
CA ALA B 70 -27.80 14.17 20.43
C ALA B 70 -28.37 14.04 21.82
N VAL B 71 -29.48 14.72 22.07
CA VAL B 71 -30.13 14.75 23.38
C VAL B 71 -31.43 13.99 23.27
N VAL B 72 -31.61 12.98 24.12
CA VAL B 72 -32.83 12.18 24.15
C VAL B 72 -33.37 12.22 25.56
N THR B 73 -34.53 12.83 25.73
CA THR B 73 -35.18 12.96 27.04
C THR B 73 -36.60 12.47 26.89
N GLY B 74 -36.78 11.17 27.03
CA GLY B 74 -38.10 10.61 26.82
C GLY B 74 -38.06 9.10 26.94
N VAL B 75 -39.09 8.46 26.40
CA VAL B 75 -39.25 7.01 26.49
C VAL B 75 -39.01 6.43 25.11
N THR B 76 -38.13 5.45 25.02
CA THR B 76 -37.86 4.70 23.80
C THR B 76 -38.10 3.23 24.13
N ALA B 77 -39.34 2.78 23.98
CA ALA B 77 -39.75 1.47 24.43
C ALA B 77 -40.16 0.59 23.26
N VAL B 78 -39.98 -0.71 23.43
CA VAL B 78 -40.42 -1.71 22.47
C VAL B 78 -41.13 -2.81 23.24
N ALA B 79 -42.24 -3.29 22.71
CA ALA B 79 -43.00 -4.36 23.35
C ALA B 79 -43.42 -5.35 22.28
N GLN B 80 -43.03 -6.60 22.45
CA GLN B 80 -43.36 -7.65 21.49
C GLN B 80 -44.11 -8.77 22.18
N LYS B 81 -44.89 -9.51 21.40
CA LYS B 81 -45.65 -10.63 21.92
C LYS B 81 -46.03 -11.52 20.76
N THR B 82 -45.60 -12.78 20.80
CA THR B 82 -45.85 -13.75 19.74
C THR B 82 -45.34 -13.23 18.39
N VAL B 83 -44.10 -12.77 18.42
CA VAL B 83 -43.40 -12.30 17.22
C VAL B 83 -42.46 -13.40 16.78
N GLU B 84 -42.39 -13.65 15.47
CA GLU B 84 -41.71 -14.82 14.96
C GLU B 84 -41.02 -14.51 13.65
N GLY B 85 -39.70 -14.52 13.67
CA GLY B 85 -38.93 -14.62 12.45
C GLY B 85 -38.38 -13.32 11.91
N ALA B 86 -37.11 -13.06 12.17
CA ALA B 86 -36.39 -11.98 11.50
C ALA B 86 -34.93 -12.41 11.42
N GLY B 87 -34.58 -13.05 10.32
CA GLY B 87 -33.24 -13.60 10.18
C GLY B 87 -32.82 -13.57 8.73
N SER B 88 -31.52 -13.40 8.51
CA SER B 88 -30.96 -13.34 7.17
C SER B 88 -30.35 -14.70 6.84
N ILE B 89 -30.86 -15.32 5.78
CA ILE B 89 -30.41 -16.64 5.35
C ILE B 89 -29.71 -16.48 4.01
N ALA B 90 -28.64 -17.24 3.81
CA ALA B 90 -27.91 -17.22 2.56
C ALA B 90 -27.51 -18.65 2.22
N ALA B 91 -27.95 -19.12 1.05
CA ALA B 91 -27.65 -20.48 0.60
C ALA B 91 -26.99 -20.42 -0.76
N ALA B 92 -25.95 -21.22 -0.95
CA ALA B 92 -25.22 -21.26 -2.20
C ALA B 92 -24.86 -22.69 -2.53
N THR B 93 -24.98 -23.06 -3.80
CA THR B 93 -24.69 -24.41 -4.26
C THR B 93 -24.15 -24.34 -5.67
N GLY B 94 -23.05 -25.03 -5.93
CA GLY B 94 -22.43 -24.96 -7.24
C GLY B 94 -21.56 -26.17 -7.51
N PHE B 95 -21.31 -26.40 -8.79
CA PHE B 95 -20.41 -27.45 -9.25
C PHE B 95 -20.85 -28.81 -8.71
N VAL B 96 -22.12 -29.12 -8.95
CA VAL B 96 -22.71 -30.39 -8.58
C VAL B 96 -22.86 -31.22 -9.85
N LYS B 97 -22.48 -32.49 -9.78
CA LYS B 97 -22.59 -33.39 -10.92
C LYS B 97 -23.40 -34.60 -10.47
N LYS B 98 -24.72 -34.47 -10.51
CA LYS B 98 -25.62 -35.56 -10.19
C LYS B 98 -25.89 -36.36 -11.46
N ASP B 99 -25.31 -37.54 -11.54
CA ASP B 99 -25.36 -38.36 -12.75
C ASP B 99 -26.15 -39.63 -12.51
N MET C 2 -3.19 -3.80 -1.72
CA MET C 2 -3.78 -3.62 -0.39
C MET C 2 -5.20 -4.19 -0.34
N ASP C 3 -5.30 -5.50 -0.15
CA ASP C 3 -6.61 -6.16 -0.01
C ASP C 3 -6.99 -6.20 1.45
N VAL C 4 -7.98 -5.41 1.85
CA VAL C 4 -8.14 -5.15 3.27
C VAL C 4 -9.24 -5.99 3.90
N PHE C 5 -10.49 -5.80 3.46
CA PHE C 5 -11.61 -6.52 4.06
C PHE C 5 -12.22 -7.46 3.03
N MET C 6 -12.17 -8.75 3.32
CA MET C 6 -12.63 -9.75 2.36
C MET C 6 -13.41 -10.83 3.09
N LYS C 7 -14.44 -11.35 2.42
CA LYS C 7 -15.24 -12.45 2.95
C LYS C 7 -15.51 -13.37 1.76
N GLY C 8 -14.64 -14.35 1.55
CA GLY C 8 -14.77 -15.24 0.43
C GLY C 8 -13.43 -15.68 -0.13
N LEU C 9 -13.32 -15.77 -1.44
CA LEU C 9 -12.06 -16.15 -2.06
C LEU C 9 -11.34 -14.92 -2.55
N SER C 10 -10.07 -14.79 -2.18
CA SER C 10 -9.22 -13.68 -2.60
C SER C 10 -7.93 -14.28 -3.13
N LYS C 11 -7.72 -14.18 -4.44
CA LYS C 11 -6.58 -14.80 -5.10
C LYS C 11 -6.52 -16.29 -4.82
N ALA C 12 -7.66 -16.96 -4.98
CA ALA C 12 -7.75 -18.36 -4.63
C ALA C 12 -8.43 -19.14 -5.75
N LYS C 13 -8.63 -20.43 -5.51
CA LYS C 13 -9.25 -21.32 -6.47
C LYS C 13 -10.04 -22.39 -5.73
N GLU C 14 -11.22 -22.70 -6.23
CA GLU C 14 -11.98 -23.86 -5.80
C GLU C 14 -12.28 -23.83 -4.31
N GLY C 15 -13.06 -22.84 -3.90
CA GLY C 15 -13.40 -22.64 -2.51
C GLY C 15 -14.88 -22.79 -2.26
N VAL C 16 -15.21 -23.24 -1.05
CA VAL C 16 -16.58 -23.32 -0.58
C VAL C 16 -16.60 -22.61 0.77
N VAL C 17 -17.12 -21.39 0.79
CA VAL C 17 -17.07 -20.53 1.97
C VAL C 17 -18.48 -20.20 2.41
N ALA C 18 -18.71 -20.26 3.72
CA ALA C 18 -19.98 -19.88 4.32
C ALA C 18 -19.70 -19.01 5.53
N ALA C 19 -20.19 -17.78 5.50
CA ALA C 19 -19.94 -16.82 6.57
C ALA C 19 -21.25 -16.25 7.07
N ALA C 20 -21.44 -16.28 8.38
CA ALA C 20 -22.60 -15.70 9.04
C ALA C 20 -22.21 -14.33 9.60
N GLU C 21 -23.14 -13.70 10.30
CA GLU C 21 -22.90 -12.37 10.83
C GLU C 21 -23.66 -12.21 12.14
N LYS C 22 -23.47 -11.07 12.79
CA LYS C 22 -23.94 -10.86 14.14
C LYS C 22 -25.45 -10.89 14.23
N THR C 23 -25.96 -11.12 15.43
CA THR C 23 -27.38 -11.11 15.71
C THR C 23 -27.65 -10.28 16.96
N LYS C 24 -28.88 -9.81 17.08
CA LYS C 24 -29.31 -9.06 18.25
C LYS C 24 -30.77 -9.39 18.52
N GLN C 25 -31.07 -9.78 19.76
CA GLN C 25 -32.43 -10.06 20.17
C GLN C 25 -32.61 -9.54 21.59
N GLY C 26 -33.40 -8.50 21.74
CA GLY C 26 -33.60 -7.91 23.05
C GLY C 26 -32.38 -7.16 23.52
N VAL C 27 -32.03 -6.10 22.81
CA VAL C 27 -30.88 -5.27 23.15
C VAL C 27 -31.34 -3.84 23.34
N ALA C 28 -30.86 -3.22 24.41
CA ALA C 28 -31.15 -1.81 24.68
C ALA C 28 -29.83 -1.09 24.88
N GLU C 29 -29.41 -0.31 23.89
CA GLU C 29 -28.20 0.47 23.96
C GLU C 29 -28.55 1.93 24.17
N ALA C 30 -27.64 2.66 24.82
CA ALA C 30 -27.85 4.08 25.09
C ALA C 30 -26.53 4.81 24.96
N ALA C 31 -26.47 5.74 24.02
CA ALA C 31 -25.31 6.61 23.84
C ALA C 31 -24.03 5.82 23.60
N GLY C 32 -24.13 4.80 22.76
CA GLY C 32 -22.97 4.00 22.41
C GLY C 32 -22.39 4.41 21.07
N LYS C 33 -21.10 4.17 20.90
CA LYS C 33 -20.41 4.36 19.64
C LYS C 33 -19.99 3.01 19.09
N THR C 34 -19.65 2.98 17.81
CA THR C 34 -19.31 1.73 17.14
C THR C 34 -18.57 2.03 15.86
N LYS C 35 -17.54 1.23 15.56
CA LYS C 35 -16.81 1.29 14.31
C LYS C 35 -16.49 -0.13 13.89
N GLU C 36 -17.06 -0.57 12.77
CA GLU C 36 -16.82 -1.92 12.26
C GLU C 36 -16.36 -1.81 10.82
N GLY C 37 -15.10 -2.12 10.57
CA GLY C 37 -14.58 -2.06 9.22
C GLY C 37 -14.28 -0.64 8.79
N VAL C 38 -13.42 0.03 9.54
CA VAL C 38 -13.01 1.40 9.24
C VAL C 38 -11.54 1.39 8.85
N LEU C 39 -11.22 2.11 7.78
CA LEU C 39 -9.85 2.11 7.26
C LEU C 39 -9.47 3.54 6.90
N TYR C 40 -8.47 4.07 7.57
CA TYR C 40 -7.92 5.39 7.26
C TYR C 40 -6.58 5.23 6.56
N VAL C 41 -6.35 6.04 5.53
CA VAL C 41 -5.09 6.04 4.80
C VAL C 41 -4.67 7.49 4.64
N GLY C 42 -3.59 7.88 5.32
CA GLY C 42 -3.09 9.23 5.20
C GLY C 42 -4.06 10.31 5.61
N SER C 43 -5.09 9.97 6.36
CA SER C 43 -6.11 10.92 6.77
C SER C 43 -5.79 11.49 8.15
N LYS C 44 -6.47 12.58 8.48
CA LYS C 44 -6.29 13.24 9.77
C LYS C 44 -7.65 13.66 10.28
N THR C 45 -8.05 13.11 11.43
CA THR C 45 -9.38 13.32 11.95
C THR C 45 -9.33 13.90 13.36
N LYS C 46 -10.50 14.31 13.84
CA LYS C 46 -10.65 14.81 15.21
C LYS C 46 -12.12 14.60 15.57
N GLU C 47 -12.40 13.57 16.36
CA GLU C 47 -13.76 13.12 16.60
C GLU C 47 -14.09 13.21 18.09
N GLY C 48 -15.30 13.65 18.39
CA GLY C 48 -15.84 13.56 19.74
C GLY C 48 -15.04 14.29 20.79
N VAL C 49 -14.97 15.61 20.72
CA VAL C 49 -14.30 16.38 21.76
C VAL C 49 -15.32 17.28 22.44
N VAL C 50 -15.09 17.56 23.72
CA VAL C 50 -15.91 18.48 24.49
C VAL C 50 -14.95 19.45 25.16
N HIS C 51 -15.10 20.73 24.84
CA HIS C 51 -14.08 21.71 25.16
C HIS C 51 -14.72 23.00 25.65
N GLY C 52 -14.14 23.57 26.70
CA GLY C 52 -14.57 24.87 27.18
C GLY C 52 -16.00 24.92 27.67
N VAL C 53 -16.28 24.24 28.78
CA VAL C 53 -17.60 24.22 29.38
C VAL C 53 -17.54 24.94 30.71
N ALA C 54 -18.49 25.85 30.94
CA ALA C 54 -18.58 26.57 32.19
C ALA C 54 -19.99 26.44 32.74
N THR C 55 -20.11 26.56 34.06
CA THR C 55 -21.41 26.43 34.71
C THR C 55 -21.34 27.16 36.04
N VAL C 56 -22.21 28.15 36.22
CA VAL C 56 -22.20 28.97 37.42
C VAL C 56 -23.58 28.89 38.07
N ALA C 57 -23.60 28.86 39.39
CA ALA C 57 -24.82 28.88 40.16
C ALA C 57 -24.65 29.88 41.29
N GLU C 58 -25.73 30.55 41.66
CA GLU C 58 -25.66 31.52 42.75
C GLU C 58 -27.05 31.71 43.33
N LYS C 59 -27.21 31.35 44.60
CA LYS C 59 -28.45 31.50 45.33
C LYS C 59 -29.61 30.78 44.65
N THR C 60 -29.31 29.84 43.77
CA THR C 60 -30.35 29.06 43.10
C THR C 60 -30.69 27.84 43.92
N LYS C 61 -31.91 27.34 43.72
CA LYS C 61 -32.40 26.21 44.50
C LYS C 61 -32.11 24.87 43.85
N GLU C 62 -31.87 24.84 42.54
CA GLU C 62 -31.60 23.58 41.87
C GLU C 62 -31.08 23.87 40.48
N GLN C 63 -30.08 23.10 40.05
CA GLN C 63 -29.52 23.24 38.70
C GLN C 63 -29.01 21.90 38.23
N VAL C 64 -29.58 21.38 37.16
CA VAL C 64 -29.21 20.09 36.61
C VAL C 64 -28.79 20.31 35.16
N THR C 65 -27.52 20.06 34.86
CA THR C 65 -26.99 20.29 33.52
C THR C 65 -26.28 19.05 33.03
N ASN C 66 -26.40 18.79 31.74
CA ASN C 66 -25.71 17.70 31.08
C ASN C 66 -25.08 18.21 29.80
N VAL C 67 -23.80 17.97 29.63
CA VAL C 67 -23.08 18.28 28.40
C VAL C 67 -22.34 17.04 27.96
N GLY C 68 -22.28 16.81 26.66
CA GLY C 68 -21.58 15.64 26.19
C GLY C 68 -21.76 15.44 24.70
N GLY C 69 -21.16 14.35 24.22
CA GLY C 69 -21.38 13.98 22.84
C GLY C 69 -22.75 13.40 22.60
N ALA C 70 -23.32 12.75 23.60
CA ALA C 70 -24.65 12.18 23.50
C ALA C 70 -25.23 12.08 24.91
N VAL C 71 -26.32 12.78 25.17
CA VAL C 71 -26.96 12.81 26.47
C VAL C 71 -28.27 12.06 26.38
N VAL C 72 -28.45 11.07 27.24
CA VAL C 72 -29.67 10.27 27.29
C VAL C 72 -30.20 10.34 28.70
N THR C 73 -31.36 10.96 28.89
CA THR C 73 -31.98 11.11 30.19
C THR C 73 -33.43 10.63 30.06
N GLY C 74 -33.62 9.33 30.20
CA GLY C 74 -34.94 8.77 30.02
C GLY C 74 -34.91 7.28 30.15
N VAL C 75 -35.95 6.63 29.63
CA VAL C 75 -36.12 5.20 29.72
C VAL C 75 -35.90 4.60 28.34
N THR C 76 -35.02 3.60 28.27
CA THR C 76 -34.78 2.84 27.05
C THR C 76 -35.03 1.38 27.40
N ALA C 77 -36.27 0.95 27.26
CA ALA C 77 -36.68 -0.37 27.72
C ALA C 77 -37.11 -1.25 26.56
N VAL C 78 -36.95 -2.55 26.75
CA VAL C 78 -37.41 -3.56 25.80
C VAL C 78 -38.12 -4.65 26.59
N ALA C 79 -39.24 -5.12 26.06
CA ALA C 79 -40.01 -6.17 26.72
C ALA C 79 -40.45 -7.16 25.66
N GLN C 80 -40.07 -8.42 25.83
CA GLN C 80 -40.40 -9.47 24.89
C GLN C 80 -41.16 -10.58 25.60
N LYS C 81 -41.96 -11.32 24.82
CA LYS C 81 -42.73 -12.43 25.36
C LYS C 81 -43.12 -13.33 24.21
N THR C 82 -42.69 -14.59 24.26
CA THR C 82 -42.97 -15.56 23.22
C THR C 82 -42.47 -15.07 21.87
N VAL C 83 -41.22 -14.61 21.86
CA VAL C 83 -40.54 -14.17 20.66
C VAL C 83 -39.61 -15.27 20.22
N GLU C 84 -39.55 -15.53 18.92
CA GLU C 84 -38.88 -16.73 18.42
C GLU C 84 -38.19 -16.42 17.10
N GLY C 85 -36.87 -16.45 17.10
CA GLY C 85 -36.12 -16.56 15.87
C GLY C 85 -35.56 -15.28 15.32
N ALA C 86 -34.28 -15.03 15.57
CA ALA C 86 -33.56 -13.96 14.89
C ALA C 86 -32.10 -14.41 14.81
N GLY C 87 -31.76 -15.07 13.71
CA GLY C 87 -30.43 -15.62 13.55
C GLY C 87 -30.03 -15.61 12.10
N SER C 88 -28.72 -15.44 11.87
CA SER C 88 -28.16 -15.41 10.53
C SER C 88 -27.59 -16.78 10.21
N ILE C 89 -28.11 -17.41 9.16
CA ILE C 89 -27.67 -18.73 8.73
C ILE C 89 -26.98 -18.59 7.39
N ALA C 90 -25.92 -19.36 7.19
CA ALA C 90 -25.19 -19.36 5.92
C ALA C 90 -24.82 -20.80 5.59
N ALA C 91 -25.27 -21.28 4.44
CA ALA C 91 -24.98 -22.63 4.00
C ALA C 91 -24.33 -22.59 2.63
N ALA C 92 -23.30 -23.41 2.44
CA ALA C 92 -22.58 -23.46 1.18
C ALA C 92 -22.25 -24.91 0.87
N THR C 93 -22.37 -25.28 -0.40
CA THR C 93 -22.09 -26.64 -0.84
C THR C 93 -21.57 -26.58 -2.26
N GLY C 94 -20.47 -27.29 -2.52
CA GLY C 94 -19.87 -27.24 -3.84
C GLY C 94 -19.01 -28.46 -4.11
N PHE C 95 -18.76 -28.70 -5.39
CA PHE C 95 -17.89 -29.77 -5.84
C PHE C 95 -18.33 -31.12 -5.29
N VAL C 96 -19.61 -31.41 -5.52
CA VAL C 96 -20.20 -32.68 -5.13
C VAL C 96 -20.37 -33.51 -6.40
N LYS C 97 -20.00 -34.78 -6.32
CA LYS C 97 -20.13 -35.70 -7.45
C LYS C 97 -20.95 -36.89 -6.97
N LYS C 98 -22.27 -36.75 -7.00
CA LYS C 98 -23.17 -37.83 -6.67
C LYS C 98 -23.47 -38.64 -7.93
N ASP C 99 -22.89 -39.83 -8.01
CA ASP C 99 -22.96 -40.65 -9.21
C ASP C 99 -23.76 -41.92 -8.95
N MET D 2 -3.87 9.71 -5.51
CA MET D 2 -2.79 9.17 -6.34
C MET D 2 -2.00 10.28 -7.02
N ASP D 3 -1.07 10.88 -6.29
CA ASP D 3 -0.21 11.93 -6.84
C ASP D 3 1.05 11.30 -7.40
N VAL D 4 1.18 11.26 -8.72
CA VAL D 4 2.16 10.36 -9.32
C VAL D 4 3.45 11.08 -9.72
N PHE D 5 3.37 12.01 -10.65
CA PHE D 5 4.57 12.70 -11.13
C PHE D 5 4.51 14.16 -10.75
N MET D 6 5.47 14.60 -9.94
CA MET D 6 5.45 15.96 -9.42
C MET D 6 6.85 16.53 -9.45
N LYS D 7 6.94 17.82 -9.72
CA LYS D 7 8.22 18.55 -9.70
C LYS D 7 7.94 19.90 -9.05
N GLY D 8 8.09 19.97 -7.74
CA GLY D 8 7.78 21.18 -7.01
C GLY D 8 7.23 20.91 -5.64
N LEU D 9 6.24 21.70 -5.21
CA LEU D 9 5.62 21.49 -3.91
C LEU D 9 4.32 20.73 -4.08
N SER D 10 4.17 19.66 -3.31
CA SER D 10 2.96 18.84 -3.33
C SER D 10 2.52 18.67 -1.88
N LYS D 11 1.40 19.29 -1.52
CA LYS D 11 0.92 19.30 -0.14
C LYS D 11 1.99 19.84 0.81
N ALA D 12 2.58 20.97 0.45
CA ALA D 12 3.69 21.50 1.22
C ALA D 12 3.48 22.98 1.46
N LYS D 13 4.48 23.59 2.11
CA LYS D 13 4.44 25.00 2.43
C LYS D 13 5.86 25.56 2.39
N GLU D 14 6.00 26.75 1.83
CA GLU D 14 7.22 27.54 1.95
C GLU D 14 8.42 26.79 1.38
N GLY D 15 8.39 26.54 0.09
CA GLY D 15 9.43 25.79 -0.58
C GLY D 15 10.15 26.63 -1.63
N VAL D 16 11.42 26.31 -1.84
CA VAL D 16 12.23 26.90 -2.89
C VAL D 16 12.84 25.74 -3.66
N VAL D 17 12.30 25.44 -4.82
CA VAL D 17 12.68 24.26 -5.59
C VAL D 17 13.25 24.70 -6.93
N ALA D 18 14.35 24.06 -7.34
CA ALA D 18 14.95 24.30 -8.64
C ALA D 18 15.28 22.95 -9.26
N ALA D 19 14.70 22.66 -10.40
CA ALA D 19 14.89 21.38 -11.07
C ALA D 19 15.33 21.60 -12.51
N ALA D 20 16.39 20.92 -12.91
CA ALA D 20 16.89 20.95 -14.27
C ALA D 20 16.41 19.70 -15.00
N GLU D 21 16.85 19.53 -16.24
CA GLU D 21 16.41 18.39 -17.03
C GLU D 21 17.54 17.97 -17.96
N LYS D 22 17.31 16.90 -18.71
CA LYS D 22 18.36 16.25 -19.47
C LYS D 22 18.89 17.15 -20.58
N THR D 23 20.09 16.84 -21.05
CA THR D 23 20.71 17.54 -22.16
C THR D 23 21.25 16.53 -23.16
N LYS D 24 21.43 16.98 -24.40
CA LYS D 24 22.01 16.17 -25.44
C LYS D 24 22.84 17.06 -26.35
N GLN D 25 24.09 16.67 -26.58
CA GLN D 25 24.97 17.41 -27.48
C GLN D 25 25.80 16.39 -28.25
N GLY D 26 25.53 16.27 -29.55
CA GLY D 26 26.25 15.30 -30.34
C GLY D 26 25.81 13.89 -30.04
N VAL D 27 24.55 13.57 -30.33
CA VAL D 27 24.00 12.25 -30.07
C VAL D 27 23.46 11.71 -31.39
N ALA D 28 23.76 10.45 -31.67
CA ALA D 28 23.24 9.77 -32.85
C ALA D 28 22.59 8.47 -32.40
N GLU D 29 21.26 8.45 -32.39
CA GLU D 29 20.50 7.27 -32.02
C GLU D 29 19.93 6.63 -33.27
N ALA D 30 19.74 5.31 -33.22
CA ALA D 30 19.18 4.59 -34.35
C ALA D 30 18.27 3.49 -33.82
N ALA D 31 16.99 3.56 -34.19
CA ALA D 31 16.02 2.53 -33.87
C ALA D 31 15.91 2.28 -32.37
N GLY D 32 15.90 3.36 -31.59
CA GLY D 32 15.75 3.25 -30.16
C GLY D 32 14.33 3.52 -29.70
N LYS D 33 13.97 2.94 -28.57
CA LYS D 33 12.70 3.19 -27.93
C LYS D 33 12.93 3.94 -26.63
N THR D 34 11.87 4.53 -26.10
CA THR D 34 11.99 5.34 -24.90
C THR D 34 10.63 5.53 -24.27
N LYS D 35 10.57 5.47 -22.94
CA LYS D 35 9.36 5.77 -22.18
C LYS D 35 9.76 6.52 -20.93
N GLU D 36 9.34 7.77 -20.82
CA GLU D 36 9.66 8.61 -19.67
C GLU D 36 8.37 9.15 -19.10
N GLY D 37 7.99 8.68 -17.92
CA GLY D 37 6.78 9.15 -17.29
C GLY D 37 5.54 8.53 -17.91
N VAL D 38 5.47 7.21 -17.87
CA VAL D 38 4.34 6.47 -18.39
C VAL D 38 3.62 5.81 -17.23
N LEU D 39 2.29 5.92 -17.22
CA LEU D 39 1.48 5.39 -16.13
C LEU D 39 0.27 4.67 -16.70
N TYR D 40 0.18 3.37 -16.45
CA TYR D 40 -0.98 2.58 -16.83
C TYR D 40 -1.81 2.26 -15.61
N VAL D 41 -3.12 2.35 -15.74
CA VAL D 41 -4.05 2.02 -14.67
C VAL D 41 -5.14 1.14 -15.25
N GLY D 42 -5.16 -0.13 -14.88
CA GLY D 42 -6.18 -1.04 -15.36
C GLY D 42 -6.22 -1.22 -16.85
N SER D 43 -5.14 -0.88 -17.54
CA SER D 43 -5.08 -0.98 -19.00
C SER D 43 -4.46 -2.30 -19.42
N LYS D 44 -4.63 -2.62 -20.70
CA LYS D 44 -4.09 -3.84 -21.27
C LYS D 44 -3.54 -3.53 -22.65
N THR D 45 -2.24 -3.71 -22.83
CA THR D 45 -1.58 -3.32 -24.05
C THR D 45 -0.86 -4.50 -24.69
N LYS D 46 -0.37 -4.27 -25.90
CA LYS D 46 0.42 -5.26 -26.64
C LYS D 46 1.24 -4.48 -27.65
N GLU D 47 2.52 -4.28 -27.35
CA GLU D 47 3.36 -3.37 -28.11
C GLU D 47 4.53 -4.13 -28.72
N GLY D 48 4.87 -3.78 -29.96
CA GLY D 48 6.10 -4.24 -30.57
C GLY D 48 6.24 -5.73 -30.69
N VAL D 49 5.41 -6.38 -31.48
CA VAL D 49 5.55 -7.81 -31.72
C VAL D 49 5.85 -8.04 -33.19
N VAL D 50 6.58 -9.10 -33.47
CA VAL D 50 6.89 -9.54 -34.83
C VAL D 50 6.55 -11.01 -34.91
N HIS D 51 5.60 -11.36 -35.78
CA HIS D 51 4.98 -12.67 -35.73
C HIS D 51 4.80 -13.20 -37.13
N GLY D 52 5.10 -14.49 -37.31
CA GLY D 52 4.84 -15.16 -38.56
C GLY D 52 5.61 -14.61 -39.75
N VAL D 53 6.92 -14.78 -39.74
CA VAL D 53 7.77 -14.32 -40.83
C VAL D 53 8.35 -15.54 -41.54
N ALA D 54 8.28 -15.53 -42.86
CA ALA D 54 8.83 -16.60 -43.67
C ALA D 54 9.74 -16.01 -44.73
N THR D 55 10.71 -16.79 -45.17
CA THR D 55 11.66 -16.33 -46.18
C THR D 55 12.23 -17.54 -46.88
N VAL D 56 12.05 -17.62 -48.20
CA VAL D 56 12.48 -18.76 -48.98
C VAL D 56 13.42 -18.27 -50.07
N ALA D 57 14.46 -19.05 -50.35
CA ALA D 57 15.38 -18.78 -51.43
C ALA D 57 15.62 -20.07 -52.19
N GLU D 58 15.82 -19.96 -53.49
CA GLU D 58 16.06 -21.15 -54.30
C GLU D 58 16.81 -20.75 -55.56
N LYS D 59 18.03 -21.26 -55.71
CA LYS D 59 18.86 -21.00 -56.88
C LYS D 59 19.11 -19.52 -57.10
N THR D 60 18.88 -18.70 -56.09
CA THR D 60 19.13 -17.26 -56.20
C THR D 60 20.57 -16.96 -55.83
N LYS D 61 21.06 -15.84 -56.36
CA LYS D 61 22.44 -15.45 -56.16
C LYS D 61 22.65 -14.57 -54.94
N GLU D 62 21.61 -13.90 -54.46
CA GLU D 62 21.75 -13.03 -53.30
C GLU D 62 20.36 -12.64 -52.81
N GLN D 63 20.19 -12.60 -51.50
CA GLN D 63 18.92 -12.20 -50.89
C GLN D 63 19.20 -11.57 -49.55
N VAL D 64 18.83 -10.31 -49.40
CA VAL D 64 19.06 -9.56 -48.16
C VAL D 64 17.71 -9.04 -47.70
N THR D 65 17.25 -9.50 -46.55
CA THR D 65 15.94 -9.13 -46.02
C THR D 65 16.08 -8.65 -44.60
N ASN D 66 15.28 -7.66 -44.24
CA ASN D 66 15.21 -7.14 -42.88
C ASN D 66 13.76 -6.99 -42.49
N VAL D 67 13.40 -7.57 -41.35
CA VAL D 67 12.06 -7.41 -40.78
C VAL D 67 12.24 -6.97 -39.34
N GLY D 68 11.36 -6.11 -38.86
CA GLY D 68 11.48 -5.67 -37.49
C GLY D 68 10.52 -4.55 -37.18
N GLY D 69 10.60 -4.08 -35.94
CA GLY D 69 9.84 -2.92 -35.56
C GLY D 69 10.39 -1.64 -36.14
N ALA D 70 11.70 -1.59 -36.34
CA ALA D 70 12.35 -0.42 -36.93
C ALA D 70 13.64 -0.88 -37.57
N VAL D 71 13.74 -0.70 -38.88
CA VAL D 71 14.90 -1.14 -39.65
C VAL D 71 15.66 0.11 -40.10
N VAL D 72 16.93 0.17 -39.78
CA VAL D 72 17.79 1.29 -40.17
C VAL D 72 18.98 0.72 -40.89
N THR D 73 19.10 1.01 -42.18
CA THR D 73 20.19 0.52 -43.02
C THR D 73 20.79 1.73 -43.72
N GLY D 74 21.71 2.41 -43.06
CA GLY D 74 22.28 3.61 -43.62
C GLY D 74 23.24 4.26 -42.66
N VAL D 75 23.52 5.53 -42.89
CA VAL D 75 24.47 6.28 -42.10
C VAL D 75 23.70 7.29 -41.26
N THR D 76 23.97 7.29 -39.96
CA THR D 76 23.41 8.27 -39.03
C THR D 76 24.60 8.92 -38.34
N ALA D 77 25.10 9.99 -38.93
CA ALA D 77 26.34 10.60 -38.48
C ALA D 77 26.09 12.02 -37.98
N VAL D 78 26.94 12.45 -37.05
CA VAL D 78 26.93 13.81 -36.54
C VAL D 78 28.37 14.30 -36.51
N ALA D 79 28.58 15.55 -36.92
CA ALA D 79 29.91 16.14 -36.94
C ALA D 79 29.81 17.55 -36.38
N GLN D 80 30.56 17.82 -35.33
CA GLN D 80 30.55 19.13 -34.70
C GLN D 80 31.95 19.71 -34.68
N LYS D 81 32.02 21.04 -34.62
CA LYS D 81 33.30 21.73 -34.58
C LYS D 81 33.06 23.13 -34.04
N THR D 82 33.71 23.46 -32.92
CA THR D 82 33.56 24.76 -32.26
C THR D 82 32.09 25.03 -31.93
N VAL D 83 31.47 24.03 -31.32
CA VAL D 83 30.08 24.12 -30.85
C VAL D 83 30.13 24.37 -29.35
N GLU D 84 29.27 25.26 -28.87
CA GLU D 84 29.39 25.74 -27.50
C GLU D 84 28.00 25.98 -26.92
N GLY D 85 27.64 25.17 -25.93
CA GLY D 85 26.54 25.52 -25.05
C GLY D 85 25.22 24.89 -25.35
N ALA D 86 24.88 23.81 -24.64
CA ALA D 86 23.54 23.26 -24.65
C ALA D 86 23.31 22.64 -23.28
N GLY D 87 22.76 23.43 -22.38
CA GLY D 87 22.57 22.98 -21.01
C GLY D 87 21.34 23.61 -20.42
N SER D 88 20.69 22.87 -19.52
CA SER D 88 19.49 23.32 -18.85
C SER D 88 19.86 23.84 -17.46
N ILE D 89 19.58 25.11 -17.21
CA ILE D 89 19.89 25.76 -15.95
C ILE D 89 18.59 26.10 -15.24
N ALA D 90 18.57 25.94 -13.93
CA ALA D 90 17.40 26.27 -13.13
C ALA D 90 17.87 26.95 -11.85
N ALA D 91 17.40 28.16 -11.63
CA ALA D 91 17.77 28.93 -10.45
C ALA D 91 16.51 29.35 -9.71
N ALA D 92 16.54 29.23 -8.38
CA ALA D 92 15.40 29.59 -7.55
C ALA D 92 15.91 30.29 -6.30
N THR D 93 15.18 31.33 -5.88
CA THR D 93 15.55 32.09 -4.70
C THR D 93 14.29 32.62 -4.05
N GLY D 94 14.19 32.45 -2.74
CA GLY D 94 12.98 32.87 -2.05
C GLY D 94 13.23 33.10 -0.58
N PHE D 95 12.32 33.86 0.03
CA PHE D 95 12.34 34.12 1.46
C PHE D 95 13.67 34.73 1.89
N VAL D 96 14.05 35.79 1.20
CA VAL D 96 15.25 36.55 1.50
C VAL D 96 14.81 37.84 2.19
N LYS D 97 15.50 38.19 3.27
CA LYS D 97 15.22 39.41 4.00
C LYS D 97 16.50 40.22 4.08
N LYS D 98 16.78 40.98 3.04
CA LYS D 98 17.93 41.88 3.00
C LYS D 98 17.52 43.22 3.58
N ASP D 99 17.99 43.49 4.79
CA ASP D 99 17.57 44.69 5.53
C ASP D 99 18.74 45.64 5.71
N MET E 2 -0.97 7.30 -2.57
CA MET E 2 0.09 6.75 -3.40
C MET E 2 0.89 7.84 -4.09
N ASP E 3 1.83 8.44 -3.37
CA ASP E 3 2.70 9.48 -3.94
C ASP E 3 3.95 8.83 -4.51
N VAL E 4 4.07 8.77 -5.83
CA VAL E 4 5.03 7.86 -6.42
C VAL E 4 6.32 8.57 -6.84
N PHE E 5 6.25 9.49 -7.79
CA PHE E 5 7.45 10.16 -8.27
C PHE E 5 7.41 11.63 -7.90
N MET E 6 8.37 12.06 -7.11
CA MET E 6 8.38 13.43 -6.61
C MET E 6 9.79 13.99 -6.65
N LYS E 7 9.88 15.28 -6.93
CA LYS E 7 11.16 15.99 -6.93
C LYS E 7 10.90 17.34 -6.29
N GLY E 8 11.07 17.43 -4.97
CA GLY E 8 10.78 18.64 -4.26
C GLY E 8 10.23 18.40 -2.87
N LEU E 9 9.26 19.19 -2.45
CA LEU E 9 8.65 19.01 -1.15
C LEU E 9 7.33 18.26 -1.30
N SER E 10 7.17 17.19 -0.52
CA SER E 10 5.96 16.40 -0.51
C SER E 10 5.53 16.23 0.93
N LYS E 11 4.42 16.87 1.30
CA LYS E 11 3.95 16.90 2.68
C LYS E 11 5.03 17.43 3.62
N ALA E 12 5.63 18.55 3.25
CA ALA E 12 6.75 19.08 4.00
C ALA E 12 6.56 20.57 4.23
N LYS E 13 7.56 21.17 4.86
CA LYS E 13 7.55 22.60 5.17
C LYS E 13 8.97 23.13 5.12
N GLU E 14 9.11 24.32 4.54
CA GLU E 14 10.35 25.09 4.65
C GLU E 14 11.54 24.32 4.08
N GLY E 15 11.48 24.06 2.78
CA GLY E 15 12.52 23.30 2.11
C GLY E 15 13.24 24.11 1.05
N VAL E 16 14.50 23.79 0.84
CA VAL E 16 15.31 24.37 -0.22
C VAL E 16 15.91 23.19 -0.98
N VAL E 17 15.36 22.88 -2.14
CA VAL E 17 15.72 21.69 -2.90
C VAL E 17 16.28 22.11 -4.25
N ALA E 18 17.36 21.47 -4.66
CA ALA E 18 17.96 21.68 -5.97
C ALA E 18 18.29 20.32 -6.57
N ALA E 19 17.68 20.03 -7.72
CA ALA E 19 17.85 18.74 -8.38
C ALA E 19 18.27 18.94 -9.82
N ALA E 20 19.33 18.25 -10.21
CA ALA E 20 19.82 18.26 -11.58
C ALA E 20 19.33 17.01 -12.29
N GLU E 21 19.76 16.82 -13.54
CA GLU E 21 19.30 15.68 -14.32
C GLU E 21 20.42 15.25 -15.26
N LYS E 22 20.18 14.16 -15.98
CA LYS E 22 21.22 13.50 -16.76
C LYS E 22 21.74 14.39 -17.88
N THR E 23 22.93 14.06 -18.36
CA THR E 23 23.56 14.74 -19.47
C THR E 23 24.08 13.71 -20.46
N LYS E 24 24.25 14.16 -21.70
CA LYS E 24 24.83 13.32 -22.75
C LYS E 24 25.65 14.20 -23.67
N GLN E 25 26.89 13.80 -23.91
CA GLN E 25 27.77 14.51 -24.82
C GLN E 25 28.59 13.49 -25.58
N GLY E 26 28.31 13.36 -26.88
CA GLY E 26 29.01 12.37 -27.67
C GLY E 26 28.56 10.97 -27.35
N VAL E 27 27.30 10.66 -27.62
CA VAL E 27 26.73 9.36 -27.37
C VAL E 27 26.18 8.81 -28.66
N ALA E 28 26.47 7.53 -28.94
CA ALA E 28 25.93 6.85 -30.11
C ALA E 28 25.27 5.57 -29.64
N GLU E 29 23.94 5.56 -29.61
CA GLU E 29 23.17 4.38 -29.23
C GLU E 29 22.58 3.74 -30.47
N ALA E 30 22.37 2.43 -30.41
CA ALA E 30 21.81 1.69 -31.53
C ALA E 30 20.88 0.61 -30.99
N ALA E 31 19.60 0.70 -31.34
CA ALA E 31 18.62 -0.33 -31.01
C ALA E 31 18.52 -0.56 -29.51
N GLY E 32 18.53 0.52 -28.74
CA GLY E 32 18.39 0.44 -27.30
C GLY E 32 16.98 0.71 -26.84
N LYS E 33 16.62 0.15 -25.69
CA LYS E 33 15.35 0.43 -25.05
C LYS E 33 15.61 1.17 -23.76
N THR E 34 14.56 1.79 -23.22
CA THR E 34 14.70 2.61 -22.03
C THR E 34 13.34 2.81 -21.39
N LYS E 35 13.30 2.77 -20.06
CA LYS E 35 12.09 3.08 -19.30
C LYS E 35 12.51 3.85 -18.06
N GLU E 36 12.10 5.10 -17.96
CA GLU E 36 12.43 5.94 -16.81
C GLU E 36 11.15 6.51 -16.23
N GLY E 37 10.78 6.05 -15.05
CA GLY E 37 9.57 6.54 -14.42
C GLY E 37 8.33 5.93 -15.02
N VAL E 38 8.24 4.61 -14.98
CA VAL E 38 7.10 3.86 -15.48
C VAL E 38 6.38 3.23 -14.31
N LEU E 39 5.06 3.34 -14.29
CA LEU E 39 4.25 2.84 -13.18
C LEU E 39 3.03 2.12 -13.74
N TYR E 40 2.93 0.82 -13.48
CA TYR E 40 1.76 0.05 -13.85
C TYR E 40 0.94 -0.26 -12.61
N VAL E 41 -0.38 -0.15 -12.74
CA VAL E 41 -1.30 -0.46 -11.65
C VAL E 41 -2.41 -1.34 -12.23
N GLY E 42 -2.43 -2.61 -11.83
CA GLY E 42 -3.47 -3.50 -12.30
C GLY E 42 -3.51 -3.71 -13.78
N SER E 43 -2.43 -3.38 -14.50
CA SER E 43 -2.40 -3.48 -15.95
C SER E 43 -1.80 -4.82 -16.36
N LYS E 44 -1.97 -5.14 -17.64
CA LYS E 44 -1.45 -6.38 -18.20
C LYS E 44 -0.90 -6.08 -19.58
N THR E 45 0.39 -6.28 -19.77
CA THR E 45 1.05 -5.90 -21.01
C THR E 45 1.75 -7.10 -21.64
N LYS E 46 2.22 -6.89 -22.86
CA LYS E 46 3.00 -7.90 -23.58
C LYS E 46 3.82 -7.13 -24.61
N GLU E 47 5.10 -6.94 -24.32
CA GLU E 47 5.95 -6.05 -25.10
C GLU E 47 7.12 -6.82 -25.71
N GLY E 48 7.44 -6.48 -26.95
CA GLY E 48 8.66 -6.96 -27.58
C GLY E 48 8.79 -8.46 -27.67
N VAL E 49 7.95 -9.11 -28.46
CA VAL E 49 8.08 -10.54 -28.68
C VAL E 49 8.35 -10.79 -30.15
N VAL E 50 9.08 -11.86 -30.43
CA VAL E 50 9.36 -12.31 -31.78
C VAL E 50 9.01 -13.78 -31.85
N HIS E 51 8.06 -14.13 -32.71
CA HIS E 51 7.43 -15.43 -32.64
C HIS E 51 7.23 -15.98 -34.05
N GLY E 52 7.51 -17.27 -34.21
CA GLY E 52 7.23 -17.95 -35.46
C GLY E 52 8.00 -17.42 -36.65
N VAL E 53 9.30 -17.59 -36.65
CA VAL E 53 10.16 -17.16 -37.74
C VAL E 53 10.72 -18.38 -38.45
N ALA E 54 10.64 -18.39 -39.77
CA ALA E 54 11.18 -19.47 -40.57
C ALA E 54 12.08 -18.89 -41.66
N THR E 55 13.04 -19.70 -42.09
CA THR E 55 13.99 -19.25 -43.11
C THR E 55 14.54 -20.48 -43.81
N VAL E 56 14.35 -20.56 -45.11
CA VAL E 56 14.76 -21.72 -45.90
C VAL E 56 15.70 -21.25 -47.00
N ALA E 57 16.72 -22.04 -47.28
CA ALA E 57 17.65 -21.78 -48.37
C ALA E 57 17.87 -23.09 -49.10
N GLU E 58 18.06 -23.00 -50.42
CA GLU E 58 18.29 -24.19 -51.22
C GLU E 58 19.02 -23.80 -52.49
N LYS E 59 20.23 -24.33 -52.64
CA LYS E 59 21.06 -24.10 -53.82
C LYS E 59 21.32 -22.62 -54.06
N THR E 60 21.11 -21.78 -53.06
CA THR E 60 21.37 -20.35 -53.18
C THR E 60 22.82 -20.05 -52.83
N LYS E 61 23.31 -18.94 -53.36
CA LYS E 61 24.71 -18.58 -53.17
C LYS E 61 24.93 -17.68 -51.96
N GLU E 62 23.90 -16.99 -51.49
CA GLU E 62 24.05 -16.11 -50.33
C GLU E 62 22.67 -15.70 -49.84
N GLN E 63 22.51 -15.66 -48.52
CA GLN E 63 21.25 -15.24 -47.92
C GLN E 63 21.54 -14.60 -46.58
N VAL E 64 21.19 -13.33 -46.44
CA VAL E 64 21.44 -12.58 -45.22
C VAL E 64 20.09 -12.04 -44.75
N THR E 65 19.64 -12.49 -43.58
CA THR E 65 18.35 -12.10 -43.05
C THR E 65 18.50 -11.60 -41.63
N ASN E 66 17.71 -10.59 -41.28
CA ASN E 66 17.66 -10.06 -39.92
C ASN E 66 16.21 -9.90 -39.52
N VAL E 67 15.85 -10.46 -38.37
CA VAL E 67 14.52 -10.29 -37.80
C VAL E 67 14.71 -9.84 -36.36
N GLY E 68 13.85 -8.96 -35.88
CA GLY E 68 13.98 -8.51 -34.52
C GLY E 68 13.02 -7.38 -34.21
N GLY E 69 13.12 -6.90 -32.97
CA GLY E 69 12.38 -5.73 -32.60
C GLY E 69 12.94 -4.46 -33.20
N ALA E 70 14.25 -4.42 -33.41
CA ALA E 70 14.91 -3.26 -34.01
C ALA E 70 16.19 -3.75 -34.66
N VAL E 71 16.28 -3.58 -35.97
CA VAL E 71 17.44 -4.03 -36.75
C VAL E 71 18.19 -2.80 -37.22
N VAL E 72 19.47 -2.74 -36.90
CA VAL E 72 20.34 -1.64 -37.30
C VAL E 72 21.52 -2.23 -38.03
N THR E 73 21.63 -1.95 -39.33
CA THR E 73 22.71 -2.45 -40.17
C THR E 73 23.32 -1.26 -40.89
N GLY E 74 24.24 -0.59 -40.23
CA GLY E 74 24.83 0.60 -40.82
C GLY E 74 25.80 1.25 -39.86
N VAL E 75 26.09 2.51 -40.11
CA VAL E 75 27.05 3.26 -39.33
C VAL E 75 26.31 4.29 -38.50
N THR E 76 26.58 4.30 -37.20
CA THR E 76 26.04 5.28 -36.27
C THR E 76 27.23 5.94 -35.59
N ALA E 77 27.75 7.00 -36.20
CA ALA E 77 29.00 7.60 -35.77
C ALA E 77 28.76 9.03 -35.28
N VAL E 78 29.62 9.45 -34.36
CA VAL E 78 29.63 10.82 -33.86
C VAL E 78 31.07 11.30 -33.85
N ALA E 79 31.29 12.54 -34.27
CA ALA E 79 32.63 13.12 -34.31
C ALA E 79 32.55 14.53 -33.77
N GLN E 80 33.31 14.81 -32.71
CA GLN E 80 33.32 16.13 -32.09
C GLN E 80 34.72 16.69 -32.09
N LYS E 81 34.80 18.02 -32.05
CA LYS E 81 36.10 18.69 -32.02
C LYS E 81 35.88 20.10 -31.49
N THR E 82 36.52 20.43 -30.38
CA THR E 82 36.39 21.73 -29.74
C THR E 82 34.93 22.02 -29.39
N VAL E 83 34.30 21.04 -28.77
CA VAL E 83 32.92 21.15 -28.29
C VAL E 83 32.98 21.40 -26.80
N GLU E 84 32.13 22.31 -26.31
CA GLU E 84 32.26 22.81 -24.95
C GLU E 84 30.89 23.07 -24.36
N GLY E 85 30.53 22.27 -23.36
CA GLY E 85 29.45 22.64 -22.46
C GLY E 85 28.10 22.01 -22.76
N ALA E 86 27.77 20.95 -22.03
CA ALA E 86 26.41 20.41 -22.04
C ALA E 86 26.19 19.80 -20.66
N GLY E 87 25.66 20.61 -19.75
CA GLY E 87 25.48 20.17 -18.38
C GLY E 87 24.25 20.82 -17.78
N SER E 88 23.60 20.10 -16.88
CA SER E 88 22.41 20.57 -16.20
C SER E 88 22.80 21.09 -14.83
N ILE E 89 22.54 22.37 -14.58
CA ILE E 89 22.87 23.03 -13.33
C ILE E 89 21.57 23.38 -12.62
N ALA E 90 21.56 23.23 -11.30
CA ALA E 90 20.40 23.58 -10.49
C ALA E 90 20.89 24.27 -9.23
N ALA E 91 20.43 25.49 -9.01
CA ALA E 91 20.81 26.26 -7.84
C ALA E 91 19.56 26.70 -7.10
N ALA E 92 19.61 26.61 -5.77
CA ALA E 92 18.48 26.98 -4.93
C ALA E 92 19.00 27.68 -3.69
N THR E 93 18.29 28.73 -3.28
CA THR E 93 18.68 29.51 -2.11
C THR E 93 17.43 30.05 -1.45
N GLY E 94 17.32 29.90 -0.15
CA GLY E 94 16.12 30.33 0.56
C GLY E 94 16.39 30.57 2.03
N PHE E 95 15.49 31.34 2.63
CA PHE E 95 15.53 31.62 4.06
C PHE E 95 16.87 32.21 4.48
N VAL E 96 17.25 33.28 3.77
CA VAL E 96 18.45 34.02 4.07
C VAL E 96 18.04 35.32 4.74
N LYS E 97 18.75 35.67 5.81
CA LYS E 97 18.47 36.90 6.54
C LYS E 97 19.77 37.70 6.60
N LYS E 98 20.04 38.45 5.54
CA LYS E 98 21.21 39.33 5.48
C LYS E 98 20.81 40.69 6.06
N ASP E 99 21.29 40.97 7.27
CA ASP E 99 20.89 42.16 7.99
C ASP E 99 22.06 43.11 8.15
N MET F 2 1.94 4.87 0.39
CA MET F 2 2.98 4.30 -0.44
C MET F 2 3.79 5.39 -1.15
N ASP F 3 4.74 5.98 -0.44
CA ASP F 3 5.61 7.00 -1.02
C ASP F 3 6.86 6.34 -1.59
N VAL F 4 6.96 6.27 -2.92
CA VAL F 4 7.91 5.35 -3.51
C VAL F 4 9.20 6.03 -3.93
N PHE F 5 9.14 6.95 -4.89
CA PHE F 5 10.35 7.60 -5.39
C PHE F 5 10.32 9.08 -5.04
N MET F 6 11.30 9.51 -4.25
CA MET F 6 11.32 10.88 -3.75
C MET F 6 12.72 11.42 -3.81
N LYS F 7 12.84 12.71 -4.12
CA LYS F 7 14.12 13.40 -4.12
C LYS F 7 13.87 14.77 -3.50
N GLY F 8 14.05 14.85 -2.19
CA GLY F 8 13.78 16.09 -1.48
C GLY F 8 13.23 15.86 -0.09
N LEU F 9 12.27 16.67 0.34
CA LEU F 9 11.67 16.50 1.65
C LEU F 9 10.36 15.76 1.51
N SER F 10 10.19 14.71 2.30
CA SER F 10 8.96 13.92 2.32
C SER F 10 8.55 13.77 3.77
N LYS F 11 7.44 14.42 4.14
CA LYS F 11 6.98 14.47 5.53
C LYS F 11 8.08 15.00 6.45
N ALA F 12 8.69 16.10 6.07
CA ALA F 12 9.82 16.64 6.81
C ALA F 12 9.64 18.12 7.03
N LYS F 13 10.65 18.73 7.64
CA LYS F 13 10.66 20.16 7.94
C LYS F 13 12.08 20.67 7.87
N GLU F 14 12.24 21.86 7.29
CA GLU F 14 13.47 22.62 7.36
C GLU F 14 14.66 21.83 6.80
N GLY F 15 14.59 21.56 5.51
CA GLY F 15 15.61 20.78 4.84
C GLY F 15 16.33 21.59 3.77
N VAL F 16 17.59 21.24 3.55
CA VAL F 16 18.40 21.80 2.48
C VAL F 16 18.98 20.61 1.73
N VAL F 17 18.41 20.30 0.56
CA VAL F 17 18.77 19.10 -0.18
C VAL F 17 19.32 19.51 -1.54
N ALA F 18 20.39 18.84 -1.96
CA ALA F 18 20.98 19.04 -3.26
C ALA F 18 21.28 17.68 -3.86
N ALA F 19 20.67 17.37 -5.00
CA ALA F 19 20.82 16.08 -5.65
C ALA F 19 21.24 16.26 -7.09
N ALA F 20 22.29 15.56 -7.49
CA ALA F 20 22.77 15.55 -8.87
C ALA F 20 22.25 14.30 -9.56
N GLU F 21 22.67 14.10 -10.81
CA GLU F 21 22.20 12.95 -11.57
C GLU F 21 23.31 12.51 -12.51
N LYS F 22 23.04 11.42 -13.23
CA LYS F 22 24.07 10.74 -14.00
C LYS F 22 24.60 11.62 -15.13
N THR F 23 25.79 11.26 -15.62
CA THR F 23 26.40 11.94 -16.75
C THR F 23 26.91 10.90 -17.74
N LYS F 24 27.07 11.32 -18.98
CA LYS F 24 27.64 10.47 -20.02
C LYS F 24 28.46 11.33 -20.96
N GLN F 25 29.69 10.92 -21.21
CA GLN F 25 30.58 11.62 -22.13
C GLN F 25 31.37 10.57 -22.89
N GLY F 26 31.09 10.43 -24.18
CA GLY F 26 31.77 9.44 -24.97
C GLY F 26 31.32 8.04 -24.63
N VAL F 27 30.06 7.75 -24.89
CA VAL F 27 29.47 6.45 -24.62
C VAL F 27 28.90 5.89 -25.91
N ALA F 28 29.17 4.61 -26.18
CA ALA F 28 28.62 3.93 -27.34
C ALA F 28 27.96 2.65 -26.85
N GLU F 29 26.63 2.65 -26.82
CA GLU F 29 25.85 1.49 -26.42
C GLU F 29 25.25 0.85 -27.65
N ALA F 30 25.03 -0.46 -27.57
CA ALA F 30 24.44 -1.21 -28.68
C ALA F 30 23.52 -2.27 -28.12
N ALA F 31 22.23 -2.17 -28.47
CA ALA F 31 21.24 -3.19 -28.12
C ALA F 31 21.16 -3.41 -26.61
N GLY F 32 21.18 -2.32 -25.85
CA GLY F 32 21.05 -2.38 -24.41
C GLY F 32 19.64 -2.10 -23.95
N LYS F 33 19.29 -2.64 -22.79
CA LYS F 33 18.02 -2.36 -22.14
C LYS F 33 18.29 -1.59 -20.85
N THR F 34 17.25 -0.96 -20.32
CA THR F 34 17.42 -0.14 -19.14
C THR F 34 16.05 0.09 -18.49
N LYS F 35 16.02 0.05 -17.15
CA LYS F 35 14.83 0.38 -16.38
C LYS F 35 15.27 1.15 -15.16
N GLU F 36 14.87 2.41 -15.07
CA GLU F 36 15.22 3.27 -13.93
C GLU F 36 13.95 3.85 -13.35
N GLY F 37 13.58 3.40 -12.16
CA GLY F 37 12.39 3.91 -11.53
C GLY F 37 11.13 3.30 -12.10
N VAL F 38 11.04 1.98 -12.05
CA VAL F 38 9.88 1.24 -12.54
C VAL F 38 9.16 0.63 -11.35
N LEU F 39 7.84 0.76 -11.33
CA LEU F 39 7.04 0.27 -10.21
C LEU F 39 5.80 -0.44 -10.76
N TYR F 40 5.69 -1.73 -10.48
CA TYR F 40 4.52 -2.50 -10.84
C TYR F 40 3.70 -2.79 -9.59
N VAL F 41 2.38 -2.67 -9.71
CA VAL F 41 1.47 -2.97 -8.61
C VAL F 41 0.35 -3.83 -9.17
N GLY F 42 0.31 -5.10 -8.77
CA GLY F 42 -0.73 -5.99 -9.22
C GLY F 42 -0.79 -6.21 -10.70
N SER F 43 0.28 -5.89 -11.42
CA SER F 43 0.30 -6.02 -12.87
C SER F 43 0.90 -7.35 -13.28
N LYS F 44 0.70 -7.69 -14.55
CA LYS F 44 1.21 -8.94 -15.10
C LYS F 44 1.74 -8.67 -16.49
N THR F 45 3.04 -8.87 -16.69
CA THR F 45 3.70 -8.51 -17.94
C THR F 45 4.38 -9.72 -18.56
N LYS F 46 4.84 -9.53 -19.79
CA LYS F 46 5.61 -10.54 -20.51
C LYS F 46 6.43 -9.80 -21.56
N GLU F 47 7.72 -9.62 -21.28
CA GLU F 47 8.56 -8.74 -22.06
C GLU F 47 9.72 -9.52 -22.67
N GLY F 48 10.04 -9.20 -23.92
CA GLY F 48 11.24 -9.69 -24.55
C GLY F 48 11.37 -11.20 -24.64
N VAL F 49 10.51 -11.84 -25.41
CA VAL F 49 10.62 -13.28 -25.62
C VAL F 49 10.89 -13.54 -27.09
N VAL F 50 11.60 -14.62 -27.36
CA VAL F 50 11.87 -15.08 -28.73
C VAL F 50 11.51 -16.56 -28.77
N HIS F 51 10.55 -16.90 -29.61
CA HIS F 51 9.90 -18.20 -29.53
C HIS F 51 9.68 -18.76 -30.93
N GLY F 52 9.95 -20.05 -31.09
CA GLY F 52 9.65 -20.74 -32.33
C GLY F 52 10.42 -20.23 -33.53
N VAL F 53 11.73 -20.42 -33.54
CA VAL F 53 12.57 -19.99 -34.65
C VAL F 53 13.12 -21.23 -35.34
N ALA F 54 13.02 -21.25 -36.66
CA ALA F 54 13.55 -22.34 -37.46
C ALA F 54 14.44 -21.79 -38.55
N THR F 55 15.40 -22.60 -38.99
CA THR F 55 16.34 -22.17 -40.02
C THR F 55 16.88 -23.41 -40.71
N VAL F 56 16.68 -23.51 -42.02
CA VAL F 56 17.07 -24.67 -42.79
C VAL F 56 18.01 -24.21 -43.91
N ALA F 57 19.02 -25.03 -44.18
CA ALA F 57 19.94 -24.79 -45.28
C ALA F 57 20.14 -26.10 -46.02
N GLU F 58 20.32 -26.02 -47.32
CA GLU F 58 20.53 -27.23 -48.12
C GLU F 58 21.26 -26.85 -49.39
N LYS F 59 22.47 -27.39 -49.55
CA LYS F 59 23.29 -27.18 -50.73
C LYS F 59 23.55 -25.70 -51.00
N THR F 60 23.37 -24.86 -49.99
CA THR F 60 23.64 -23.43 -50.13
C THR F 60 25.09 -23.14 -49.79
N LYS F 61 25.60 -22.03 -50.34
CA LYS F 61 26.99 -21.68 -50.16
C LYS F 61 27.23 -20.78 -48.97
N GLU F 62 26.20 -20.08 -48.48
CA GLU F 62 26.38 -19.20 -47.34
C GLU F 62 25.01 -18.77 -46.84
N GLN F 63 24.86 -18.71 -45.52
CA GLN F 63 23.61 -18.27 -44.92
C GLN F 63 23.91 -17.62 -43.58
N VAL F 64 23.58 -16.34 -43.45
CA VAL F 64 23.84 -15.58 -42.23
C VAL F 64 22.51 -15.03 -41.77
N THR F 65 22.06 -15.47 -40.59
CA THR F 65 20.76 -15.07 -40.06
C THR F 65 20.93 -14.56 -38.64
N ASN F 66 20.16 -13.54 -38.29
CA ASN F 66 20.12 -13.00 -36.94
C ASN F 66 18.68 -12.81 -36.52
N VAL F 67 18.31 -13.37 -35.38
CA VAL F 67 17.00 -13.16 -34.79
C VAL F 67 17.20 -12.71 -33.35
N GLY F 68 16.35 -11.82 -32.88
CA GLY F 68 16.50 -11.35 -31.52
C GLY F 68 15.56 -10.22 -31.21
N GLY F 69 15.67 -9.73 -29.99
CA GLY F 69 14.93 -8.55 -29.61
C GLY F 69 15.51 -7.29 -30.23
N ALA F 70 16.82 -7.26 -30.45
CA ALA F 70 17.47 -6.12 -31.06
C ALA F 70 18.75 -6.62 -31.72
N VAL F 71 18.84 -6.47 -33.03
CA VAL F 71 19.97 -6.93 -33.81
C VAL F 71 20.74 -5.71 -34.30
N VAL F 72 22.04 -5.66 -33.99
CA VAL F 72 22.90 -4.57 -34.41
C VAL F 72 24.08 -5.18 -35.15
N THR F 73 24.18 -4.91 -36.44
CA THR F 73 25.24 -5.44 -37.28
C THR F 73 25.86 -4.26 -38.02
N GLY F 74 26.79 -3.58 -37.38
CA GLY F 74 27.38 -2.40 -37.97
C GLY F 74 28.37 -1.76 -37.04
N VAL F 75 28.67 -0.50 -37.30
CA VAL F 75 29.65 0.26 -36.54
C VAL F 75 28.92 1.28 -35.70
N THR F 76 29.19 1.31 -34.41
CA THR F 76 28.66 2.31 -33.49
C THR F 76 29.88 2.96 -32.82
N ALA F 77 30.40 4.01 -33.45
CA ALA F 77 31.65 4.60 -33.02
C ALA F 77 31.44 6.03 -32.54
N VAL F 78 32.31 6.46 -31.64
CA VAL F 78 32.33 7.83 -31.14
C VAL F 78 33.78 8.29 -31.15
N ALA F 79 34.01 9.52 -31.58
CA ALA F 79 35.35 10.09 -31.63
C ALA F 79 35.29 11.51 -31.10
N GLN F 80 36.06 11.80 -30.07
CA GLN F 80 36.09 13.10 -29.46
C GLN F 80 37.50 13.67 -29.47
N LYS F 81 37.59 14.99 -29.44
CA LYS F 81 38.88 15.66 -29.42
C LYS F 81 38.68 17.06 -28.90
N THR F 82 39.35 17.41 -27.80
CA THR F 82 39.23 18.71 -27.17
C THR F 82 37.78 19.02 -26.82
N VAL F 83 37.14 18.05 -26.17
CA VAL F 83 35.77 18.17 -25.70
C VAL F 83 35.84 18.44 -24.20
N GLU F 84 35.00 19.36 -23.72
CA GLU F 84 35.15 19.87 -22.36
C GLU F 84 33.78 20.14 -21.76
N GLY F 85 33.41 19.36 -20.76
CA GLY F 85 32.35 19.75 -19.86
C GLY F 85 31.00 19.13 -20.14
N ALA F 86 30.66 18.08 -19.40
CA ALA F 86 29.30 17.55 -19.39
C ALA F 86 29.08 16.96 -18.00
N GLY F 87 28.56 17.77 -17.10
CA GLY F 87 28.39 17.36 -15.72
C GLY F 87 27.17 18.02 -15.11
N SER F 88 26.53 17.31 -14.20
CA SER F 88 25.34 17.80 -13.52
C SER F 88 25.74 18.33 -12.15
N ILE F 89 25.49 19.61 -11.92
CA ILE F 89 25.84 20.28 -10.67
C ILE F 89 24.55 20.65 -9.97
N ALA F 90 24.55 20.51 -8.64
CA ALA F 90 23.40 20.88 -7.82
C ALA F 90 23.90 21.58 -6.58
N ALA F 91 23.46 22.81 -6.36
CA ALA F 91 23.86 23.58 -5.19
C ALA F 91 22.62 24.04 -4.45
N ALA F 92 22.67 23.95 -3.13
CA ALA F 92 21.55 24.34 -2.28
C ALA F 92 22.08 25.05 -1.04
N THR F 93 21.40 26.11 -0.64
CA THR F 93 21.80 26.89 0.52
C THR F 93 20.55 27.46 1.18
N GLY F 94 20.46 27.32 2.49
CA GLY F 94 19.28 27.76 3.19
C GLY F 94 19.55 28.01 4.66
N PHE F 95 18.67 28.80 5.27
CA PHE F 95 18.71 29.09 6.70
C PHE F 95 20.06 29.68 7.10
N VAL F 96 20.45 30.73 6.37
CA VAL F 96 21.67 31.46 6.65
C VAL F 96 21.27 32.77 7.31
N LYS F 97 21.98 33.12 8.38
CA LYS F 97 21.73 34.37 9.10
C LYS F 97 23.03 35.16 9.14
N LYS F 98 23.31 35.89 8.08
CA LYS F 98 24.47 36.76 8.01
C LYS F 98 24.10 38.12 8.57
N ASP F 99 24.59 38.41 9.77
CA ASP F 99 24.20 39.62 10.49
C ASP F 99 25.39 40.55 10.64
N MET G 2 -0.34 -6.20 1.38
CA MET G 2 -0.92 -6.01 2.69
C MET G 2 -2.33 -6.57 2.76
N ASP G 3 -2.45 -7.88 2.97
CA ASP G 3 -3.75 -8.53 3.11
C ASP G 3 -4.14 -8.57 4.58
N VAL G 4 -5.11 -7.75 4.98
CA VAL G 4 -5.27 -7.49 6.40
C VAL G 4 -6.38 -8.32 7.03
N PHE G 5 -7.62 -8.12 6.61
CA PHE G 5 -8.74 -8.83 7.21
C PHE G 5 -9.35 -9.78 6.19
N MET G 6 -9.32 -11.07 6.49
CA MET G 6 -9.78 -12.07 5.54
C MET G 6 -10.58 -13.13 6.27
N LYS G 7 -11.61 -13.64 5.62
CA LYS G 7 -12.42 -14.75 6.15
C LYS G 7 -12.71 -15.67 4.98
N GLY G 8 -11.83 -16.66 4.77
CA GLY G 8 -11.98 -17.55 3.65
C GLY G 8 -10.65 -18.00 3.09
N LEU G 9 -10.54 -18.11 1.77
CA LEU G 9 -9.28 -18.50 1.15
C LEU G 9 -8.55 -17.27 0.64
N SER G 10 -7.29 -17.15 1.02
CA SER G 10 -6.43 -16.05 0.58
C SER G 10 -5.15 -16.66 0.05
N LYS G 11 -4.94 -16.57 -1.26
CA LYS G 11 -3.81 -17.20 -1.93
C LYS G 11 -3.76 -18.69 -1.63
N ALA G 12 -4.90 -19.36 -1.79
CA ALA G 12 -5.00 -20.75 -1.43
C ALA G 12 -5.69 -21.52 -2.54
N LYS G 13 -5.89 -22.82 -2.29
CA LYS G 13 -6.53 -23.71 -3.24
C LYS G 13 -7.32 -24.77 -2.48
N GLU G 14 -8.51 -25.07 -2.98
CA GLU G 14 -9.27 -26.23 -2.54
C GLU G 14 -9.56 -26.18 -1.04
N GLY G 15 -10.34 -25.19 -0.65
CA GLY G 15 -10.67 -24.99 0.74
C GLY G 15 -12.15 -25.12 1.01
N VAL G 16 -12.48 -25.56 2.22
CA VAL G 16 -13.85 -25.63 2.70
C VAL G 16 -13.86 -24.90 4.04
N VAL G 17 -14.37 -23.68 4.06
CA VAL G 17 -14.30 -22.81 5.23
C VAL G 17 -15.71 -22.47 5.68
N ALA G 18 -15.93 -22.52 6.99
CA ALA G 18 -17.20 -22.13 7.59
C ALA G 18 -16.90 -21.25 8.80
N ALA G 19 -17.38 -20.02 8.76
CA ALA G 19 -17.12 -19.06 9.83
C ALA G 19 -18.43 -18.48 10.33
N ALA G 20 -18.61 -18.49 11.64
CA ALA G 20 -19.77 -17.90 12.30
C ALA G 20 -19.38 -16.54 12.84
N GLU G 21 -20.29 -15.90 13.55
CA GLU G 21 -20.03 -14.56 14.08
C GLU G 21 -20.78 -14.39 15.39
N LYS G 22 -20.58 -13.24 16.03
CA LYS G 22 -21.05 -13.02 17.38
C LYS G 22 -22.57 -13.04 17.47
N THR G 23 -23.06 -13.27 18.69
CA THR G 23 -24.49 -13.25 18.96
C THR G 23 -24.74 -12.41 20.21
N LYS G 24 -25.97 -11.92 20.33
CA LYS G 24 -26.39 -11.16 21.50
C LYS G 24 -27.84 -11.49 21.79
N GLN G 25 -28.14 -11.86 23.02
CA GLN G 25 -29.51 -12.14 23.44
C GLN G 25 -29.67 -11.61 24.86
N GLY G 26 -30.47 -10.55 25.01
CA GLY G 26 -30.66 -9.95 26.31
C GLY G 26 -29.42 -9.21 26.77
N VAL G 27 -29.06 -8.15 26.06
CA VAL G 27 -27.90 -7.34 26.38
C VAL G 27 -28.35 -5.91 26.58
N ALA G 28 -27.86 -5.27 27.63
CA ALA G 28 -28.15 -3.87 27.90
C ALA G 28 -26.81 -3.15 28.09
N GLU G 29 -26.41 -2.39 27.08
CA GLU G 29 -25.18 -1.60 27.14
C GLU G 29 -25.52 -0.15 27.35
N ALA G 30 -24.61 0.59 27.99
CA ALA G 30 -24.82 2.00 28.26
C ALA G 30 -23.48 2.72 28.11
N ALA G 31 -23.42 3.66 27.16
CA ALA G 31 -22.26 4.53 26.97
C ALA G 31 -20.98 3.72 26.72
N GLY G 32 -21.09 2.68 25.90
CA GLY G 32 -19.94 1.87 25.54
C GLY G 32 -19.36 2.27 24.20
N LYS G 33 -18.07 2.02 24.03
CA LYS G 33 -17.39 2.21 22.77
C LYS G 33 -16.98 0.85 22.22
N THR G 34 -16.65 0.81 20.93
CA THR G 34 -16.32 -0.44 20.28
C THR G 34 -15.58 -0.16 18.99
N LYS G 35 -14.57 -0.97 18.70
CA LYS G 35 -13.84 -0.93 17.43
C LYS G 35 -13.53 -2.35 17.01
N GLU G 36 -14.10 -2.79 15.91
CA GLU G 36 -13.88 -4.14 15.41
C GLU G 36 -13.43 -4.04 13.96
N GLY G 37 -12.16 -4.36 13.71
CA GLY G 37 -11.65 -4.32 12.36
C GLY G 37 -11.35 -2.91 11.91
N VAL G 38 -10.49 -2.23 12.66
CA VAL G 38 -10.06 -0.87 12.36
C VAL G 38 -8.60 -0.90 11.95
N LEU G 39 -8.27 -0.19 10.87
CA LEU G 39 -6.91 -0.19 10.35
C LEU G 39 -6.53 1.23 9.98
N TYR G 40 -5.51 1.77 10.64
CA TYR G 40 -4.96 3.08 10.32
C TYR G 40 -3.62 2.90 9.61
N VAL G 41 -3.39 3.70 8.58
CA VAL G 41 -2.14 3.69 7.85
C VAL G 41 -1.70 5.14 7.66
N GLY G 42 -0.63 5.52 8.34
CA GLY G 42 -0.11 6.86 8.21
C GLY G 42 -1.07 7.96 8.62
N SER G 43 -2.11 7.63 9.38
CA SER G 43 -3.11 8.59 9.78
C SER G 43 -2.78 9.17 11.15
N LYS G 44 -3.45 10.26 11.49
CA LYS G 44 -3.26 10.93 12.77
C LYS G 44 -4.63 11.36 13.29
N THR G 45 -5.02 10.83 14.44
CA THR G 45 -6.35 11.04 14.97
C THR G 45 -6.28 11.64 16.37
N LYS G 46 -7.45 12.05 16.86
CA LYS G 46 -7.59 12.56 18.22
C LYS G 46 -9.06 12.36 18.59
N GLU G 47 -9.34 11.34 19.38
CA GLU G 47 -10.70 10.91 19.64
C GLU G 47 -11.02 11.00 21.13
N GLY G 48 -12.24 11.45 21.43
CA GLY G 48 -12.76 11.38 22.78
C GLY G 48 -11.95 12.11 23.83
N VAL G 49 -11.88 13.42 23.75
CA VAL G 49 -11.20 14.20 24.78
C VAL G 49 -12.21 15.10 25.45
N VAL G 50 -11.96 15.39 26.73
CA VAL G 50 -12.77 16.33 27.50
C VAL G 50 -11.81 17.30 28.16
N HIS G 51 -11.95 18.58 27.83
CA HIS G 51 -10.92 19.55 28.14
C HIS G 51 -11.55 20.84 28.63
N GLY G 52 -10.96 21.42 29.67
CA GLY G 52 -11.38 22.73 30.15
C GLY G 52 -12.81 22.79 30.65
N VAL G 53 -13.08 22.11 31.76
CA VAL G 53 -14.40 22.10 32.37
C VAL G 53 -14.33 22.83 33.69
N ALA G 54 -15.27 23.74 33.92
CA ALA G 54 -15.35 24.48 35.16
C ALA G 54 -16.76 24.36 35.72
N THR G 55 -16.88 24.49 37.04
CA THR G 55 -18.18 24.38 37.70
C THR G 55 -18.10 25.11 39.03
N VAL G 56 -18.95 26.11 39.21
CA VAL G 56 -18.94 26.94 40.40
C VAL G 56 -20.31 26.86 41.05
N ALA G 57 -20.32 26.84 42.38
CA ALA G 57 -21.55 26.89 43.15
C ALA G 57 -21.36 27.88 44.28
N GLU G 58 -22.44 28.57 44.65
CA GLU G 58 -22.35 29.55 45.72
C GLU G 58 -23.73 29.74 46.32
N LYS G 59 -23.88 29.39 47.59
CA LYS G 59 -25.13 29.56 48.32
C LYS G 59 -26.30 28.83 47.66
N THR G 60 -26.01 27.89 46.77
CA THR G 60 -27.05 27.12 46.12
C THR G 60 -27.39 25.89 46.95
N LYS G 61 -28.62 25.41 46.76
CA LYS G 61 -29.11 24.29 47.55
C LYS G 61 -28.84 22.94 46.91
N GLU G 62 -28.60 22.89 45.60
CA GLU G 62 -28.35 21.63 44.93
C GLU G 62 -27.83 21.91 43.53
N GLN G 63 -26.84 21.13 43.09
CA GLN G 63 -26.30 21.27 41.76
C GLN G 63 -25.78 19.92 41.30
N VAL G 64 -26.36 19.40 40.22
CA VAL G 64 -25.99 18.09 39.68
C VAL G 64 -25.58 18.30 38.23
N THR G 65 -24.33 18.04 37.92
CA THR G 65 -23.80 18.27 36.58
C THR G 65 -23.11 17.02 36.09
N ASN G 66 -23.23 16.75 34.79
CA ASN G 66 -22.54 15.64 34.14
C ASN G 66 -21.92 16.15 32.85
N VAL G 67 -20.64 15.89 32.69
CA VAL G 67 -19.93 16.21 31.45
C VAL G 67 -19.20 14.95 31.02
N GLY G 68 -19.14 14.71 29.72
CA GLY G 68 -18.46 13.52 29.25
C GLY G 68 -18.64 13.33 27.77
N GLY G 69 -18.06 12.23 27.28
CA GLY G 69 -18.29 11.85 25.90
C GLY G 69 -19.67 11.28 25.68
N ALA G 70 -20.23 10.63 26.69
CA ALA G 70 -21.57 10.07 26.61
C ALA G 70 -22.13 9.98 28.02
N VAL G 71 -23.22 10.69 28.26
CA VAL G 71 -23.85 10.74 29.58
C VAL G 71 -25.17 10.00 29.49
N VAL G 72 -25.36 9.01 30.36
CA VAL G 72 -26.58 8.23 30.42
C VAL G 72 -27.10 8.30 31.84
N THR G 73 -28.26 8.93 32.02
CA THR G 73 -28.87 9.10 33.33
C THR G 73 -30.31 8.62 33.22
N GLY G 74 -30.52 7.32 33.36
CA GLY G 74 -31.84 6.77 33.19
C GLY G 74 -31.82 5.28 33.32
N VAL G 75 -32.87 4.64 32.82
CA VAL G 75 -33.05 3.20 32.92
C VAL G 75 -32.84 2.60 31.54
N THR G 76 -31.97 1.60 31.47
CA THR G 76 -31.73 0.82 30.25
C THR G 76 -31.99 -0.62 30.61
N ALA G 77 -33.24 -1.06 30.47
CA ALA G 77 -33.66 -2.37 30.96
C ALA G 77 -34.10 -3.25 29.80
N VAL G 78 -33.95 -4.55 29.99
CA VAL G 78 -34.41 -5.56 29.05
C VAL G 78 -35.12 -6.64 29.85
N ALA G 79 -36.26 -7.11 29.34
CA ALA G 79 -37.02 -8.15 30.00
C ALA G 79 -37.48 -9.15 28.95
N GLN G 80 -37.11 -10.41 29.14
CA GLN G 80 -37.45 -11.46 28.20
C GLN G 80 -38.21 -12.56 28.92
N LYS G 81 -39.02 -13.30 28.15
CA LYS G 81 -39.79 -14.41 28.70
C LYS G 81 -40.20 -15.30 27.56
N THR G 82 -39.78 -16.57 27.62
CA THR G 82 -40.07 -17.55 26.57
C THR G 82 -39.57 -17.07 25.22
N VAL G 83 -38.32 -16.61 25.21
CA VAL G 83 -37.63 -16.18 24.00
C VAL G 83 -36.71 -17.30 23.57
N GLU G 84 -36.67 -17.57 22.26
CA GLU G 84 -36.01 -18.77 21.76
C GLU G 84 -35.33 -18.48 20.44
N GLY G 85 -34.00 -18.51 20.44
CA GLY G 85 -33.26 -18.64 19.20
C GLY G 85 -32.69 -17.36 18.64
N ALA G 86 -31.41 -17.11 18.88
CA ALA G 86 -30.68 -16.05 18.19
C ALA G 86 -29.24 -16.52 18.10
N GLY G 87 -28.90 -17.18 17.01
CA GLY G 87 -27.58 -17.75 16.85
C GLY G 87 -27.17 -17.75 15.40
N SER G 88 -25.88 -17.59 15.16
CA SER G 88 -25.33 -17.57 13.81
C SER G 88 -24.75 -18.95 13.50
N ILE G 89 -25.28 -19.58 12.46
CA ILE G 89 -24.86 -20.90 12.04
C ILE G 89 -24.17 -20.78 10.69
N ALA G 90 -23.12 -21.55 10.48
CA ALA G 90 -22.39 -21.57 9.22
C ALA G 90 -22.03 -23.01 8.90
N ALA G 91 -22.50 -23.50 7.75
CA ALA G 91 -22.22 -24.85 7.32
C ALA G 91 -21.57 -24.82 5.94
N ALA G 92 -20.55 -25.65 5.76
CA ALA G 92 -19.83 -25.72 4.49
C ALA G 92 -19.51 -27.17 4.18
N THR G 93 -19.64 -27.54 2.92
CA THR G 93 -19.38 -28.91 2.49
C THR G 93 -18.86 -28.87 1.06
N GLY G 94 -17.77 -29.58 0.80
CA GLY G 94 -17.17 -29.54 -0.52
C GLY G 94 -16.32 -30.77 -0.78
N PHE G 95 -16.09 -31.02 -2.08
CA PHE G 95 -15.22 -32.09 -2.52
C PHE G 95 -15.67 -33.44 -1.96
N VAL G 96 -16.96 -33.73 -2.17
CA VAL G 96 -17.55 -34.99 -1.77
C VAL G 96 -17.73 -35.83 -3.04
N LYS G 97 -17.37 -37.10 -2.95
CA LYS G 97 -17.51 -38.02 -4.08
C LYS G 97 -18.33 -39.21 -3.59
N LYS G 98 -19.65 -39.05 -3.62
CA LYS G 98 -20.57 -40.14 -3.27
C LYS G 98 -20.87 -40.95 -4.53
N ASP G 99 -20.30 -42.14 -4.59
CA ASP G 99 -20.38 -42.96 -5.79
C ASP G 99 -21.19 -44.22 -5.52
N MET H 2 2.45 -8.60 4.42
CA MET H 2 1.88 -8.39 5.75
C MET H 2 0.46 -8.93 5.84
N ASP H 3 0.34 -10.24 6.05
CA ASP H 3 -0.97 -10.87 6.20
C ASP H 3 -1.35 -10.89 7.68
N VAL H 4 -2.30 -10.07 8.08
CA VAL H 4 -2.46 -9.79 9.50
C VAL H 4 -3.56 -10.60 10.15
N PHE H 5 -4.81 -10.40 9.73
CA PHE H 5 -5.93 -11.10 10.35
C PHE H 5 -6.56 -12.05 9.35
N MET H 6 -6.54 -13.34 9.65
CA MET H 6 -7.02 -14.34 8.72
C MET H 6 -7.82 -15.39 9.47
N LYS H 7 -8.86 -15.90 8.82
CA LYS H 7 -9.67 -16.99 9.37
C LYS H 7 -9.98 -17.92 8.21
N GLY H 8 -9.12 -18.91 8.01
CA GLY H 8 -9.29 -19.83 6.90
C GLY H 8 -7.96 -20.29 6.33
N LEU H 9 -7.86 -20.41 5.01
CA LEU H 9 -6.62 -20.81 4.39
C LEU H 9 -5.87 -19.60 3.86
N SER H 10 -4.60 -19.48 4.22
CA SER H 10 -3.75 -18.40 3.77
C SER H 10 -2.47 -19.02 3.24
N LYS H 11 -2.27 -18.94 1.92
CA LYS H 11 -1.15 -19.59 1.25
C LYS H 11 -1.12 -21.08 1.55
N ALA H 12 -2.27 -21.73 1.42
CA ALA H 12 -2.37 -23.13 1.80
C ALA H 12 -3.08 -23.91 0.69
N LYS H 13 -3.30 -25.20 0.96
CA LYS H 13 -3.95 -26.09 0.02
C LYS H 13 -4.74 -27.14 0.79
N GLU H 14 -5.94 -27.43 0.31
CA GLU H 14 -6.70 -28.59 0.76
C GLU H 14 -6.98 -28.52 2.26
N GLY H 15 -7.75 -27.51 2.65
CA GLY H 15 -8.06 -27.28 4.05
C GLY H 15 -9.55 -27.41 4.32
N VAL H 16 -9.87 -27.83 5.54
CA VAL H 16 -11.24 -27.88 6.04
C VAL H 16 -11.23 -27.15 7.37
N VAL H 17 -11.72 -25.92 7.38
CA VAL H 17 -11.63 -25.04 8.54
C VAL H 17 -13.04 -24.68 9.00
N ALA H 18 -13.26 -24.72 10.31
CA ALA H 18 -14.51 -24.31 10.92
C ALA H 18 -14.20 -23.44 12.11
N ALA H 19 -14.67 -22.19 12.07
CA ALA H 19 -14.39 -21.22 13.13
C ALA H 19 -15.69 -20.63 13.64
N ALA H 20 -15.85 -20.63 14.95
CA ALA H 20 -17.00 -20.02 15.61
C ALA H 20 -16.59 -18.65 16.14
N GLU H 21 -17.51 -17.99 16.85
CA GLU H 21 -17.22 -16.66 17.35
C GLU H 21 -17.96 -16.47 18.67
N LYS H 22 -17.74 -15.32 19.30
CA LYS H 22 -18.20 -15.08 20.67
C LYS H 22 -19.71 -15.09 20.76
N THR H 23 -20.20 -15.29 21.98
CA THR H 23 -21.62 -15.26 22.27
C THR H 23 -21.86 -14.40 23.51
N LYS H 24 -23.08 -13.90 23.63
CA LYS H 24 -23.49 -13.13 24.80
C LYS H 24 -24.94 -13.43 25.10
N GLN H 25 -25.23 -13.80 26.34
CA GLN H 25 -26.60 -14.05 26.78
C GLN H 25 -26.75 -13.51 28.19
N GLY H 26 -27.53 -12.45 28.34
CA GLY H 26 -27.69 -11.84 29.63
C GLY H 26 -26.46 -11.11 30.08
N VAL H 27 -26.10 -10.05 29.36
CA VAL H 27 -24.92 -9.25 29.65
C VAL H 27 -25.36 -7.81 29.85
N ALA H 28 -24.86 -7.17 30.89
CA ALA H 28 -25.12 -5.75 31.14
C ALA H 28 -23.79 -5.05 31.31
N GLU H 29 -23.38 -4.30 30.30
CA GLU H 29 -22.14 -3.54 30.34
C GLU H 29 -22.47 -2.07 30.55
N ALA H 30 -21.54 -1.34 31.17
CA ALA H 30 -21.73 0.08 31.41
C ALA H 30 -20.40 0.79 31.25
N ALA H 31 -20.34 1.70 30.30
CA ALA H 31 -19.17 2.56 30.10
C ALA H 31 -17.91 1.74 29.84
N GLY H 32 -18.02 0.71 29.03
CA GLY H 32 -16.89 -0.12 28.67
C GLY H 32 -16.31 0.26 27.32
N LYS H 33 -15.03 0.00 27.14
CA LYS H 33 -14.36 0.16 25.87
C LYS H 33 -13.96 -1.20 25.33
N THR H 34 -13.64 -1.25 24.05
CA THR H 34 -13.33 -2.52 23.40
C THR H 34 -12.60 -2.26 22.10
N LYS H 35 -11.60 -3.09 21.81
CA LYS H 35 -10.88 -3.05 20.55
C LYS H 35 -10.58 -4.48 20.13
N GLU H 36 -11.17 -4.92 19.04
CA GLU H 36 -10.96 -6.28 18.54
C GLU H 36 -10.51 -6.21 17.09
N GLY H 37 -9.27 -6.54 16.83
CA GLY H 37 -8.76 -6.51 15.48
C GLY H 37 -8.45 -5.11 15.02
N VAL H 38 -7.57 -4.43 15.75
CA VAL H 38 -7.14 -3.08 15.44
C VAL H 38 -5.68 -3.12 15.02
N LEU H 39 -5.35 -2.43 13.93
CA LEU H 39 -4.00 -2.45 13.40
C LEU H 39 -3.60 -1.03 13.01
N TYR H 40 -2.57 -0.49 13.66
CA TYR H 40 -2.01 0.80 13.32
C TYR H 40 -0.68 0.61 12.60
N VAL H 41 -0.45 1.40 11.56
CA VAL H 41 0.80 1.37 10.81
C VAL H 41 1.24 2.81 10.62
N GLY H 42 2.33 3.19 11.28
CA GLY H 42 2.85 4.53 11.14
C GLY H 42 1.91 5.63 11.54
N SER H 43 0.88 5.32 12.32
CA SER H 43 -0.12 6.30 12.72
C SER H 43 0.24 6.88 14.08
N LYS H 44 -0.43 7.98 14.41
CA LYS H 44 -0.23 8.65 15.68
C LYS H 44 -1.57 9.12 16.21
N THR H 45 -1.97 8.58 17.36
CA THR H 45 -3.30 8.83 17.91
C THR H 45 -3.21 9.43 19.30
N LYS H 46 -4.37 9.85 19.79
CA LYS H 46 -4.49 10.38 21.15
C LYS H 46 -5.96 10.21 21.55
N GLU H 47 -6.25 9.19 22.34
CA GLU H 47 -7.61 8.77 22.62
C GLU H 47 -7.91 8.88 24.10
N GLY H 48 -9.12 9.35 24.41
CA GLY H 48 -9.63 9.29 25.77
C GLY H 48 -8.81 10.01 26.80
N VAL H 49 -8.73 11.34 26.72
CA VAL H 49 -8.03 12.11 27.73
C VAL H 49 -9.03 13.04 28.40
N VAL H 50 -8.77 13.33 29.67
CA VAL H 50 -9.56 14.28 30.44
C VAL H 50 -8.59 15.26 31.08
N HIS H 51 -8.72 16.53 30.74
CA HIS H 51 -7.67 17.49 31.04
C HIS H 51 -8.29 18.79 31.52
N GLY H 52 -7.69 19.38 32.54
CA GLY H 52 -8.09 20.68 33.02
C GLY H 52 -9.51 20.77 33.53
N VAL H 53 -9.78 20.10 34.64
CA VAL H 53 -11.10 20.12 35.26
C VAL H 53 -11.01 20.86 36.58
N ALA H 54 -11.95 21.78 36.81
CA ALA H 54 -12.01 22.53 38.05
C ALA H 54 -13.41 22.43 38.62
N THR H 55 -13.51 22.57 39.93
CA THR H 55 -14.80 22.48 40.60
C THR H 55 -14.71 23.22 41.92
N VAL H 56 -15.55 24.23 42.11
CA VAL H 56 -15.53 25.07 43.29
C VAL H 56 -16.89 25.02 43.95
N ALA H 57 -16.90 25.01 45.28
CA ALA H 57 -18.12 25.07 46.06
C ALA H 57 -17.91 26.07 47.18
N GLU H 58 -18.97 26.78 47.55
CA GLU H 58 -18.87 27.76 48.62
C GLU H 58 -20.25 27.97 49.22
N LYS H 59 -20.39 27.64 50.49
CA LYS H 59 -21.64 27.82 51.24
C LYS H 59 -22.80 27.10 50.59
N THR H 60 -22.53 26.15 49.71
CA THR H 60 -23.59 25.38 49.06
C THR H 60 -23.95 24.17 49.92
N LYS H 61 -25.17 23.69 49.74
CA LYS H 61 -25.67 22.58 50.54
C LYS H 61 -25.42 21.23 49.91
N GLU H 62 -25.19 21.17 48.60
CA GLU H 62 -24.94 19.89 47.93
C GLU H 62 -24.44 20.16 46.53
N GLN H 63 -23.47 19.37 46.10
CA GLN H 63 -22.92 19.48 44.75
C GLN H 63 -22.43 18.12 44.30
N VAL H 64 -23.02 17.60 43.24
CA VAL H 64 -22.67 16.29 42.70
C VAL H 64 -22.28 16.48 41.25
N THR H 65 -21.02 16.20 40.93
CA THR H 65 -20.49 16.41 39.59
C THR H 65 -19.81 15.14 39.10
N ASN H 66 -19.96 14.88 37.81
CA ASN H 66 -19.30 13.75 37.17
C ASN H 66 -18.67 14.24 35.86
N VAL H 67 -17.39 13.97 35.69
CA VAL H 67 -16.69 14.27 34.45
C VAL H 67 -15.98 12.99 34.02
N GLY H 68 -15.93 12.75 32.72
CA GLY H 68 -15.26 11.56 32.26
C GLY H 68 -15.46 11.34 30.78
N GLY H 69 -14.89 10.24 30.30
CA GLY H 69 -15.13 9.84 28.92
C GLY H 69 -16.52 9.29 28.72
N ALA H 70 -17.07 8.65 29.74
CA ALA H 70 -18.42 8.11 29.67
C ALA H 70 -18.98 8.03 31.09
N VAL H 71 -20.06 8.75 31.34
CA VAL H 71 -20.67 8.82 32.65
C VAL H 71 -22.01 8.09 32.58
N VAL H 72 -22.19 7.11 33.47
CA VAL H 72 -23.42 6.35 33.54
C VAL H 72 -23.93 6.43 34.97
N THR H 73 -25.08 7.07 35.15
CA THR H 73 -25.69 7.26 36.47
C THR H 73 -27.13 6.80 36.36
N GLY H 74 -27.34 5.50 36.52
CA GLY H 74 -28.68 4.97 36.36
C GLY H 74 -28.67 3.47 36.52
N VAL H 75 -29.73 2.85 36.02
CA VAL H 75 -29.92 1.40 36.14
C VAL H 75 -29.73 0.78 34.77
N THR H 76 -28.87 -0.23 34.69
CA THR H 76 -28.65 -1.01 33.48
C THR H 76 -28.92 -2.47 33.86
N ALA H 77 -30.17 -2.88 33.74
CA ALA H 77 -30.59 -4.18 34.23
C ALA H 77 -31.06 -5.07 33.09
N VAL H 78 -30.91 -6.37 33.29
CA VAL H 78 -31.40 -7.39 32.37
C VAL H 78 -32.11 -8.45 33.18
N ALA H 79 -33.25 -8.91 32.68
CA ALA H 79 -34.03 -9.94 33.36
C ALA H 79 -34.50 -10.95 32.32
N GLN H 80 -34.13 -12.20 32.51
CA GLN H 80 -34.50 -13.27 31.59
C GLN H 80 -35.26 -14.35 32.33
N LYS H 81 -36.08 -15.08 31.57
CA LYS H 81 -36.86 -16.18 32.14
C LYS H 81 -37.28 -17.09 31.01
N THR H 82 -36.88 -18.35 31.07
CA THR H 82 -37.19 -19.35 30.04
C THR H 82 -36.68 -18.87 28.67
N VAL H 83 -35.43 -18.43 28.65
CA VAL H 83 -34.75 -18.01 27.43
C VAL H 83 -33.84 -19.15 27.01
N GLU H 84 -33.82 -19.43 25.71
CA GLU H 84 -33.17 -20.64 25.21
C GLU H 84 -32.50 -20.37 23.88
N GLY H 85 -31.17 -20.42 23.87
CA GLY H 85 -30.44 -20.56 22.63
C GLY H 85 -29.87 -19.30 22.05
N ALA H 86 -28.58 -19.06 22.28
CA ALA H 86 -27.85 -18.01 21.57
C ALA H 86 -26.41 -18.49 21.48
N GLY H 87 -26.09 -19.17 20.39
CA GLY H 87 -24.77 -19.75 20.22
C GLY H 87 -24.38 -19.76 18.77
N SER H 88 -23.08 -19.62 18.51
CA SER H 88 -22.54 -19.62 17.17
C SER H 88 -21.99 -21.00 16.86
N ILE H 89 -22.52 -21.63 15.83
CA ILE H 89 -22.12 -22.97 15.41
C ILE H 89 -21.46 -22.87 14.06
N ALA H 90 -20.40 -23.65 13.86
CA ALA H 90 -19.68 -23.69 12.59
C ALA H 90 -19.34 -25.13 12.27
N ALA H 91 -19.82 -25.62 11.13
CA ALA H 91 -19.56 -26.99 10.71
C ALA H 91 -18.93 -26.97 9.33
N ALA H 92 -17.91 -27.81 9.14
CA ALA H 92 -17.21 -27.90 7.87
C ALA H 92 -16.90 -29.36 7.59
N THR H 93 -17.04 -29.75 6.32
CA THR H 93 -16.79 -31.11 5.90
C THR H 93 -16.28 -31.09 4.47
N GLY H 94 -15.21 -31.82 4.20
CA GLY H 94 -14.62 -31.80 2.87
C GLY H 94 -13.78 -33.03 2.62
N PHE H 95 -13.57 -33.29 1.33
CA PHE H 95 -12.71 -34.39 0.88
C PHE H 95 -13.18 -35.72 1.47
N VAL H 96 -14.45 -36.00 1.27
CA VAL H 96 -15.06 -37.25 1.67
C VAL H 96 -15.26 -38.10 0.43
N LYS H 97 -14.91 -39.38 0.52
CA LYS H 97 -15.07 -40.30 -0.60
C LYS H 97 -15.89 -41.48 -0.10
N LYS H 98 -17.21 -41.31 -0.11
CA LYS H 98 -18.13 -42.38 0.25
C LYS H 98 -18.45 -43.20 -0.99
N ASP H 99 -17.89 -44.40 -1.05
CA ASP H 99 -17.99 -45.24 -2.24
C ASP H 99 -18.81 -46.49 -1.95
N MET I 2 5.25 -11.01 7.48
CA MET I 2 4.69 -10.78 8.81
C MET I 2 3.27 -11.31 8.92
N ASP I 3 3.14 -12.62 9.15
CA ASP I 3 1.83 -13.23 9.30
C ASP I 3 1.46 -13.24 10.79
N VAL I 4 0.51 -12.39 11.19
CA VAL I 4 0.38 -12.10 12.61
C VAL I 4 -0.73 -12.91 13.27
N PHE I 5 -1.98 -12.69 12.86
CA PHE I 5 -3.10 -13.37 13.50
C PHE I 5 -3.76 -14.32 12.50
N MET I 6 -3.74 -15.61 12.82
CA MET I 6 -4.23 -16.62 11.91
C MET I 6 -5.03 -17.66 12.67
N LYS I 7 -6.09 -18.16 12.04
CA LYS I 7 -6.90 -19.23 12.60
C LYS I 7 -7.23 -20.18 11.45
N GLY I 8 -6.39 -21.17 11.25
CA GLY I 8 -6.56 -22.09 10.14
C GLY I 8 -5.24 -22.58 9.57
N LEU I 9 -5.16 -22.71 8.25
CA LEU I 9 -3.92 -23.13 7.62
C LEU I 9 -3.18 -21.92 7.09
N SER I 10 -1.90 -21.82 7.44
CA SER I 10 -1.04 -20.75 6.97
C SER I 10 0.24 -21.39 6.42
N LYS I 11 0.42 -21.32 5.11
CA LYS I 11 1.53 -21.99 4.44
C LYS I 11 1.55 -23.48 4.76
N ALA I 12 0.39 -24.12 4.63
CA ALA I 12 0.28 -25.51 5.03
C ALA I 12 -0.45 -26.30 3.94
N LYS I 13 -0.67 -27.58 4.22
CA LYS I 13 -1.34 -28.48 3.29
C LYS I 13 -2.13 -29.51 4.08
N GLU I 14 -3.34 -29.80 3.60
CA GLU I 14 -4.11 -30.93 4.07
C GLU I 14 -4.37 -30.85 5.57
N GLY I 15 -5.13 -29.84 5.97
CA GLY I 15 -5.43 -29.59 7.36
C GLY I 15 -6.91 -29.70 7.65
N VAL I 16 -7.23 -30.11 8.87
CA VAL I 16 -8.60 -30.14 9.38
C VAL I 16 -8.57 -29.40 10.70
N VAL I 17 -9.05 -28.16 10.70
CA VAL I 17 -8.95 -27.28 11.85
C VAL I 17 -10.35 -26.90 12.33
N ALA I 18 -10.55 -26.92 13.64
CA ALA I 18 -11.80 -26.50 14.26
C ALA I 18 -11.46 -25.62 15.43
N ALA I 19 -11.93 -24.37 15.40
CA ALA I 19 -11.64 -23.40 16.43
C ALA I 19 -12.93 -22.78 16.94
N ALA I 20 -13.08 -22.77 18.26
CA ALA I 20 -14.21 -22.14 18.92
C ALA I 20 -13.78 -20.78 19.44
N GLU I 21 -14.69 -20.09 20.14
CA GLU I 21 -14.40 -18.76 20.64
C GLU I 21 -15.12 -18.56 21.96
N LYS I 22 -14.88 -17.40 22.58
CA LYS I 22 -15.32 -17.15 23.94
C LYS I 22 -16.84 -17.14 24.05
N THR I 23 -17.33 -17.33 25.27
CA THR I 23 -18.74 -17.27 25.58
C THR I 23 -18.96 -16.41 26.81
N LYS I 24 -20.18 -15.90 26.94
CA LYS I 24 -20.57 -15.12 28.10
C LYS I 24 -22.03 -15.41 28.41
N GLN I 25 -22.31 -15.75 29.66
CA GLN I 25 -23.67 -15.99 30.11
C GLN I 25 -23.80 -15.44 31.52
N GLY I 26 -24.57 -14.36 31.66
CA GLY I 26 -24.73 -13.74 32.95
C GLY I 26 -23.47 -13.01 33.38
N VAL I 27 -23.11 -11.97 32.64
CA VAL I 27 -21.93 -11.17 32.92
C VAL I 27 -22.35 -9.72 33.11
N ALA I 28 -21.83 -9.09 34.14
CA ALA I 28 -22.08 -7.67 34.39
C ALA I 28 -20.75 -6.98 34.54
N GLU I 29 -20.33 -6.24 33.52
CA GLU I 29 -19.09 -5.48 33.54
C GLU I 29 -19.40 -4.00 33.74
N ALA I 30 -18.47 -3.29 34.35
CA ALA I 30 -18.64 -1.86 34.59
C ALA I 30 -17.31 -1.17 34.41
N ALA I 31 -17.23 -0.25 33.44
CA ALA I 31 -16.05 0.58 33.22
C ALA I 31 -14.80 -0.25 32.97
N GLY I 32 -14.94 -1.29 32.16
CA GLY I 32 -13.81 -2.13 31.80
C GLY I 32 -13.25 -1.77 30.44
N LYS I 33 -11.97 -2.05 30.26
CA LYS I 33 -11.30 -1.90 28.98
C LYS I 33 -10.92 -3.27 28.45
N THR I 34 -10.62 -3.34 27.16
CA THR I 34 -10.32 -4.61 26.53
C THR I 34 -9.60 -4.37 25.22
N LYS I 35 -8.60 -5.20 24.92
CA LYS I 35 -7.90 -5.19 23.66
C LYS I 35 -7.61 -6.62 23.25
N GLU I 36 -8.21 -7.08 22.16
CA GLU I 36 -8.02 -8.44 21.69
C GLU I 36 -7.59 -8.38 20.23
N GLY I 37 -6.34 -8.72 19.96
CA GLY I 37 -5.85 -8.71 18.61
C GLY I 37 -5.53 -7.31 18.14
N VAL I 38 -4.64 -6.64 18.85
CA VAL I 38 -4.20 -5.29 18.51
C VAL I 38 -2.74 -5.35 18.09
N LEU I 39 -2.41 -4.67 17.00
CA LEU I 39 -1.07 -4.71 16.44
C LEU I 39 -0.66 -3.30 16.04
N TYR I 40 0.38 -2.78 16.69
CA TYR I 40 0.95 -1.48 16.32
C TYR I 40 2.27 -1.70 15.61
N VAL I 41 2.49 -0.92 14.55
CA VAL I 41 3.75 -0.96 13.80
C VAL I 41 4.20 0.47 13.60
N GLY I 42 5.29 0.84 14.25
CA GLY I 42 5.83 2.18 14.07
C GLY I 42 4.90 3.29 14.48
N SER I 43 3.87 3.00 15.26
CA SER I 43 2.89 3.99 15.67
C SER I 43 3.25 4.59 17.02
N LYS I 44 2.60 5.69 17.34
CA LYS I 44 2.83 6.38 18.61
C LYS I 44 1.49 6.85 19.14
N THR I 45 1.09 6.33 20.31
CA THR I 45 -0.23 6.60 20.86
C THR I 45 -0.12 7.20 22.25
N LYS I 46 -1.28 7.65 22.75
CA LYS I 46 -1.38 8.19 24.10
C LYS I 46 -2.84 8.03 24.50
N GLU I 47 -3.14 7.03 25.31
CA GLU I 47 -4.50 6.62 25.59
C GLU I 47 -4.80 6.74 27.08
N GLY I 48 -5.99 7.22 27.40
CA GLY I 48 -6.49 7.19 28.76
C GLY I 48 -5.66 7.91 29.77
N VAL I 49 -5.57 9.23 29.68
CA VAL I 49 -4.85 10.01 30.68
C VAL I 49 -5.84 10.95 31.36
N VAL I 50 -5.57 11.26 32.62
CA VAL I 50 -6.34 12.21 33.39
C VAL I 50 -5.35 13.18 34.01
N HIS I 51 -5.47 14.46 33.66
CA HIS I 51 -4.42 15.42 33.94
C HIS I 51 -5.02 16.72 34.42
N GLY I 52 -4.40 17.32 35.43
CA GLY I 52 -4.79 18.63 35.89
C GLY I 52 -6.21 18.74 36.42
N VAL I 53 -6.48 18.09 37.54
CA VAL I 53 -7.79 18.12 38.17
C VAL I 53 -7.68 18.87 39.48
N ALA I 54 -8.60 19.80 39.70
CA ALA I 54 -8.65 20.56 40.94
C ALA I 54 -10.05 20.48 41.52
N THR I 55 -10.15 20.62 42.84
CA THR I 55 -11.44 20.55 43.52
C THR I 55 -11.33 21.31 44.82
N VAL I 56 -12.15 22.32 45.01
CA VAL I 56 -12.11 23.17 46.18
C VAL I 56 -13.47 23.14 46.86
N ALA I 57 -13.46 23.15 48.19
CA ALA I 57 -14.68 23.23 48.98
C ALA I 57 -14.45 24.24 50.08
N GLU I 58 -15.51 24.95 50.45
CA GLU I 58 -15.39 25.94 51.50
C GLU I 58 -16.76 26.17 52.12
N LYS I 59 -16.89 25.86 53.40
CA LYS I 59 -18.14 26.05 54.15
C LYS I 59 -19.31 25.34 53.52
N THR I 60 -19.06 24.38 52.65
CA THR I 60 -20.12 23.61 52.02
C THR I 60 -20.48 22.41 52.88
N LYS I 61 -21.72 21.94 52.72
CA LYS I 61 -22.22 20.85 53.53
C LYS I 61 -21.98 19.48 52.92
N GLU I 62 -21.77 19.41 51.60
CA GLU I 62 -21.54 18.13 50.95
C GLU I 62 -21.05 18.37 49.54
N GLN I 63 -20.08 17.56 49.11
CA GLN I 63 -19.55 17.67 47.75
C GLN I 63 -19.07 16.30 47.31
N VAL I 64 -19.67 15.77 46.25
CA VAL I 64 -19.34 14.46 45.73
C VAL I 64 -18.95 14.64 44.27
N THR I 65 -17.70 14.34 43.95
CA THR I 65 -17.18 14.53 42.60
C THR I 65 -16.53 13.25 42.12
N ASN I 66 -16.68 12.97 40.82
CA ASN I 66 -16.02 11.84 40.19
C ASN I 66 -15.41 12.31 38.88
N VAL I 67 -14.13 12.03 38.69
CA VAL I 67 -13.45 12.30 37.44
C VAL I 67 -12.74 11.03 37.03
N GLY I 68 -12.71 10.77 35.73
CA GLY I 68 -12.05 9.56 35.27
C GLY I 68 -12.26 9.33 33.79
N GLY I 69 -11.72 8.22 33.32
CA GLY I 69 -11.97 7.81 31.95
C GLY I 69 -13.35 7.27 31.76
N ALA I 70 -13.92 6.66 32.80
CA ALA I 70 -15.27 6.12 32.74
C ALA I 70 -15.81 6.06 34.15
N VAL I 71 -16.89 6.79 34.41
CA VAL I 71 -17.49 6.89 35.73
C VAL I 71 -18.82 6.16 35.69
N VAL I 72 -19.01 5.19 36.57
CA VAL I 72 -20.25 4.44 36.66
C VAL I 72 -20.75 4.54 38.09
N THR I 73 -21.89 5.19 38.28
CA THR I 73 -22.48 5.40 39.59
C THR I 73 -23.94 4.95 39.50
N GLY I 74 -24.16 3.66 39.68
CA GLY I 74 -25.50 3.13 39.54
C GLY I 74 -25.50 1.64 39.70
N VAL I 75 -26.57 1.01 39.22
CA VAL I 75 -26.77 -0.42 39.35
C VAL I 75 -26.60 -1.06 37.98
N THR I 76 -25.74 -2.07 37.92
CA THR I 76 -25.55 -2.87 36.72
C THR I 76 -25.82 -4.31 37.10
N ALA I 77 -27.08 -4.72 37.00
CA ALA I 77 -27.52 -6.01 37.51
C ALA I 77 -27.99 -6.91 36.37
N VAL I 78 -27.86 -8.21 36.59
CA VAL I 78 -28.36 -9.22 35.67
C VAL I 78 -29.08 -10.28 36.50
N ALA I 79 -30.23 -10.73 36.01
CA ALA I 79 -31.01 -11.75 36.70
C ALA I 79 -31.49 -12.76 35.69
N GLN I 80 -31.14 -14.02 35.89
CA GLN I 80 -31.53 -15.08 34.97
C GLN I 80 -32.29 -16.15 35.72
N LYS I 81 -33.12 -16.89 34.99
CA LYS I 81 -33.90 -17.97 35.57
C LYS I 81 -34.35 -18.89 34.44
N THR I 82 -33.95 -20.15 34.51
CA THR I 82 -34.28 -21.15 33.50
C THR I 82 -33.79 -20.69 32.13
N VAL I 83 -32.52 -20.27 32.09
CA VAL I 83 -31.86 -19.87 30.87
C VAL I 83 -30.96 -21.02 30.44
N GLU I 84 -30.95 -21.31 29.15
CA GLU I 84 -30.32 -22.53 28.65
C GLU I 84 -29.65 -22.27 27.31
N GLY I 85 -28.32 -22.34 27.29
CA GLY I 85 -27.60 -22.50 26.05
C GLY I 85 -27.02 -21.24 25.44
N ALA I 86 -25.73 -21.02 25.67
CA ALA I 86 -25.00 -19.98 24.95
C ALA I 86 -23.56 -20.47 24.84
N GLY I 87 -23.26 -21.17 23.76
CA GLY I 87 -21.94 -21.76 23.59
C GLY I 87 -21.57 -21.79 22.13
N SER I 88 -20.28 -21.67 21.87
CA SER I 88 -19.74 -21.68 20.52
C SER I 88 -19.20 -23.06 20.21
N ILE I 89 -19.75 -23.71 19.20
CA ILE I 89 -19.37 -25.05 18.79
C ILE I 89 -18.70 -24.96 17.42
N ALA I 90 -17.66 -25.76 17.23
CA ALA I 90 -16.96 -25.81 15.96
C ALA I 90 -16.64 -27.26 15.65
N ALA I 91 -17.11 -27.76 14.52
CA ALA I 91 -16.87 -29.13 14.11
C ALA I 91 -16.26 -29.14 12.72
N ALA I 92 -15.25 -29.98 12.53
CA ALA I 92 -14.55 -30.10 11.26
C ALA I 92 -14.25 -31.55 10.97
N THR I 93 -14.42 -31.95 9.72
CA THR I 93 -14.18 -33.32 9.31
C THR I 93 -13.69 -33.32 7.87
N GLY I 94 -12.62 -34.06 7.60
CA GLY I 94 -12.04 -34.06 6.28
C GLY I 94 -11.22 -35.30 6.02
N PHE I 95 -11.01 -35.58 4.73
CA PHE I 95 -10.17 -36.68 4.29
C PHE I 95 -10.64 -38.01 4.89
N VAL I 96 -11.92 -38.28 4.71
CA VAL I 96 -12.54 -39.52 5.13
C VAL I 96 -12.76 -40.37 3.89
N LYS I 97 -12.42 -41.66 3.99
CA LYS I 97 -12.60 -42.59 2.88
C LYS I 97 -13.43 -43.76 3.40
N LYS I 98 -14.74 -43.58 3.39
CA LYS I 98 -15.67 -44.63 3.77
C LYS I 98 -16.01 -45.46 2.54
N ASP I 99 -15.46 -46.66 2.49
CA ASP I 99 -15.57 -47.51 1.31
C ASP I 99 -16.41 -48.75 1.61
N MET J 2 4.84 2.41 3.37
CA MET J 2 5.89 1.84 2.53
C MET J 2 6.68 2.91 1.82
N ASP J 3 7.66 3.50 2.51
CA ASP J 3 8.52 4.51 1.92
C ASP J 3 9.76 3.84 1.35
N VAL J 4 9.86 3.76 0.02
CA VAL J 4 10.80 2.83 -0.57
C VAL J 4 12.10 3.50 -1.01
N PHE J 5 12.03 4.41 -1.96
CA PHE J 5 13.23 5.06 -2.48
C PHE J 5 13.22 6.53 -2.13
N MET J 6 14.20 6.96 -1.36
CA MET J 6 14.23 8.33 -0.87
C MET J 6 15.65 8.87 -0.94
N LYS J 7 15.77 10.16 -1.25
CA LYS J 7 17.05 10.84 -1.27
C LYS J 7 16.82 12.22 -0.66
N GLY J 8 17.00 12.31 0.65
CA GLY J 8 16.74 13.55 1.35
C GLY J 8 16.20 13.33 2.75
N LEU J 9 15.25 14.15 3.18
CA LEU J 9 14.65 13.99 4.50
C LEU J 9 13.33 13.25 4.37
N SER J 10 13.16 12.21 5.16
CA SER J 10 11.93 11.43 5.19
C SER J 10 11.52 11.30 6.66
N LYS J 11 10.42 11.96 7.03
CA LYS J 11 9.97 12.02 8.41
C LYS J 11 11.07 12.54 9.32
N ALA J 12 11.70 13.64 8.93
CA ALA J 12 12.83 14.17 9.66
C ALA J 12 12.67 15.66 9.87
N LYS J 13 13.68 16.27 10.48
CA LYS J 13 13.70 17.70 10.77
C LYS J 13 15.12 18.21 10.69
N GLU J 14 15.28 19.38 10.09
CA GLU J 14 16.53 20.14 10.17
C GLU J 14 17.70 19.34 9.60
N GLY J 15 17.63 19.06 8.30
CA GLY J 15 18.63 18.27 7.63
C GLY J 15 19.36 19.06 6.56
N VAL J 16 20.61 18.71 6.32
CA VAL J 16 21.41 19.25 5.24
C VAL J 16 21.98 18.05 4.50
N VAL J 17 21.41 17.75 3.34
CA VAL J 17 21.75 16.54 2.60
C VAL J 17 22.29 16.93 1.25
N ALA J 18 23.36 16.26 0.83
CA ALA J 18 23.95 16.45 -0.49
C ALA J 18 24.24 15.07 -1.08
N ALA J 19 23.62 14.78 -2.21
CA ALA J 19 23.75 13.47 -2.85
C ALA J 19 24.17 13.65 -4.31
N ALA J 20 25.21 12.93 -4.71
CA ALA J 20 25.68 12.91 -6.08
C ALA J 20 25.16 11.66 -6.77
N GLU J 21 25.56 11.45 -8.01
CA GLU J 21 25.08 10.30 -8.76
C GLU J 21 26.18 9.83 -9.71
N LYS J 22 25.91 8.74 -10.42
CA LYS J 22 26.93 8.06 -11.20
C LYS J 22 27.45 8.92 -12.33
N THR J 23 28.64 8.56 -12.82
CA THR J 23 29.25 9.23 -13.96
C THR J 23 29.75 8.17 -14.94
N LYS J 24 29.91 8.59 -16.19
CA LYS J 24 30.46 7.73 -17.22
C LYS J 24 31.28 8.58 -18.18
N GLN J 25 32.52 8.16 -18.42
CA GLN J 25 33.40 8.84 -19.36
C GLN J 25 34.18 7.79 -20.12
N GLY J 26 33.89 7.64 -21.40
CA GLY J 26 34.57 6.65 -22.19
C GLY J 26 34.11 5.25 -21.84
N VAL J 27 32.83 4.95 -22.10
CA VAL J 27 32.24 3.66 -21.81
C VAL J 27 31.66 3.10 -23.10
N ALA J 28 31.93 1.83 -23.35
CA ALA J 28 31.36 1.13 -24.50
C ALA J 28 30.69 -0.14 -24.00
N GLU J 29 29.36 -0.12 -23.97
CA GLU J 29 28.59 -1.28 -23.55
C GLU J 29 27.97 -1.93 -24.78
N ALA J 30 27.74 -3.24 -24.69
CA ALA J 30 27.14 -3.99 -25.79
C ALA J 30 26.22 -5.04 -25.22
N ALA J 31 24.93 -4.94 -25.57
CA ALA J 31 23.94 -5.94 -25.20
C ALA J 31 23.86 -6.15 -23.68
N GLY J 32 23.89 -5.06 -22.94
CA GLY J 32 23.77 -5.12 -21.50
C GLY J 32 22.37 -4.81 -21.03
N LYS J 33 22.01 -5.36 -19.87
CA LYS J 33 20.75 -5.05 -19.21
C LYS J 33 21.04 -4.28 -17.93
N THR J 34 20.00 -3.65 -17.39
CA THR J 34 20.18 -2.81 -16.22
C THR J 34 18.82 -2.58 -15.56
N LYS J 35 18.80 -2.60 -14.23
CA LYS J 35 17.61 -2.26 -13.45
C LYS J 35 18.06 -1.49 -12.23
N GLU J 36 17.67 -0.21 -12.15
CA GLU J 36 18.04 0.63 -11.03
C GLU J 36 16.78 1.23 -10.44
N GLY J 37 16.41 0.78 -9.24
CA GLY J 37 15.22 1.32 -8.60
C GLY J 37 13.96 0.71 -9.17
N VAL J 38 13.85 -0.61 -9.11
CA VAL J 38 12.69 -1.34 -9.59
C VAL J 38 11.98 -1.94 -8.40
N LEU J 39 10.65 -1.81 -8.36
CA LEU J 39 9.86 -2.29 -7.24
C LEU J 39 8.62 -2.99 -7.77
N TYR J 40 8.50 -4.28 -7.49
CA TYR J 40 7.31 -5.05 -7.83
C TYR J 40 6.50 -5.32 -6.57
N VAL J 41 5.19 -5.20 -6.68
CA VAL J 41 4.28 -5.48 -5.59
C VAL J 41 3.15 -6.34 -6.14
N GLY J 42 3.11 -7.60 -5.72
CA GLY J 42 2.06 -8.49 -6.16
C GLY J 42 1.99 -8.72 -7.64
N SER J 43 3.05 -8.42 -8.37
CA SER J 43 3.07 -8.55 -9.81
C SER J 43 3.65 -9.90 -10.22
N LYS J 44 3.45 -10.24 -11.49
CA LYS J 44 3.94 -11.49 -12.04
C LYS J 44 4.47 -11.23 -13.43
N THR J 45 5.77 -11.44 -13.64
CA THR J 45 6.42 -11.10 -14.88
C THR J 45 7.09 -12.32 -15.50
N LYS J 46 7.55 -12.13 -16.74
CA LYS J 46 8.30 -13.16 -17.45
C LYS J 46 9.13 -12.43 -18.50
N GLU J 47 10.42 -12.25 -18.24
CA GLU J 47 11.26 -11.38 -19.04
C GLU J 47 12.41 -12.17 -19.65
N GLY J 48 12.72 -11.87 -20.90
CA GLY J 48 13.93 -12.37 -21.53
C GLY J 48 14.04 -13.87 -21.61
N VAL J 49 13.17 -14.52 -22.38
CA VAL J 49 13.27 -15.96 -22.58
C VAL J 49 13.52 -16.23 -24.04
N VAL J 50 14.23 -17.32 -24.32
CA VAL J 50 14.49 -17.79 -25.66
C VAL J 50 14.12 -19.25 -25.71
N HIS J 51 13.15 -19.60 -26.55
CA HIS J 51 12.50 -20.90 -26.46
C HIS J 51 12.28 -21.46 -27.84
N GLY J 52 12.53 -22.76 -28.00
CA GLY J 52 12.23 -23.45 -29.23
C GLY J 52 12.98 -22.95 -30.44
N VAL J 53 14.30 -23.15 -30.45
CA VAL J 53 15.14 -22.74 -31.57
C VAL J 53 15.66 -23.99 -32.26
N ALA J 54 15.57 -24.01 -33.58
CA ALA J 54 16.08 -25.12 -34.37
C ALA J 54 16.98 -24.56 -35.46
N THR J 55 17.92 -25.39 -35.91
CA THR J 55 18.86 -24.98 -36.95
C THR J 55 19.38 -26.22 -37.63
N VAL J 56 19.17 -26.32 -38.94
CA VAL J 56 19.56 -27.50 -39.71
C VAL J 56 20.50 -27.06 -40.83
N ALA J 57 21.51 -27.87 -41.10
CA ALA J 57 22.41 -27.65 -42.21
C ALA J 57 22.61 -28.96 -42.93
N GLU J 58 22.78 -28.90 -44.25
CA GLU J 58 22.97 -30.11 -45.04
C GLU J 58 23.70 -29.74 -46.32
N LYS J 59 24.90 -30.29 -46.48
CA LYS J 59 25.72 -30.09 -47.67
C LYS J 59 25.99 -28.62 -47.93
N THR J 60 25.82 -27.76 -46.94
CA THR J 60 26.10 -26.35 -47.10
C THR J 60 27.55 -26.06 -46.76
N LYS J 61 28.05 -24.97 -47.32
CA LYS J 61 29.45 -24.61 -47.15
C LYS J 61 29.70 -23.71 -45.96
N GLU J 62 28.69 -23.01 -45.48
CA GLU J 62 28.87 -22.10 -44.35
C GLU J 62 27.51 -21.67 -43.84
N GLN J 63 27.36 -21.60 -42.52
CA GLN J 63 26.12 -21.14 -41.92
C GLN J 63 26.45 -20.50 -40.58
N VAL J 64 26.12 -19.21 -40.46
CA VAL J 64 26.38 -18.45 -39.24
C VAL J 64 25.06 -17.88 -38.77
N THR J 65 24.60 -18.31 -37.60
CA THR J 65 23.33 -17.89 -37.06
C THR J 65 23.50 -17.37 -35.65
N ASN J 66 22.74 -16.36 -35.30
CA ASN J 66 22.71 -15.80 -33.94
C ASN J 66 21.26 -15.61 -33.53
N VAL J 67 20.91 -16.15 -32.38
CA VAL J 67 19.60 -15.94 -31.78
C VAL J 67 19.82 -15.48 -30.35
N GLY J 68 18.97 -14.59 -29.88
CA GLY J 68 19.13 -14.11 -28.53
C GLY J 68 18.20 -12.96 -28.22
N GLY J 69 18.32 -12.47 -26.99
CA GLY J 69 17.59 -11.27 -26.63
C GLY J 69 18.17 -10.02 -27.25
N ALA J 70 19.48 -10.01 -27.47
CA ALA J 70 20.14 -8.87 -28.10
C ALA J 70 21.41 -9.38 -28.76
N VAL J 71 21.49 -9.24 -30.08
CA VAL J 71 22.62 -9.72 -30.86
C VAL J 71 23.39 -8.50 -31.36
N VAL J 72 24.68 -8.46 -31.06
CA VAL J 72 25.55 -7.37 -31.49
C VAL J 72 26.72 -7.99 -32.23
N THR J 73 26.81 -7.74 -33.53
CA THR J 73 27.88 -8.27 -34.37
C THR J 73 28.50 -7.10 -35.12
N GLY J 74 29.44 -6.43 -34.49
CA GLY J 74 30.03 -5.26 -35.10
C GLY J 74 31.02 -4.62 -34.17
N VAL J 75 31.32 -3.36 -34.44
CA VAL J 75 32.32 -2.61 -33.69
C VAL J 75 31.59 -1.57 -32.86
N THR J 76 31.88 -1.54 -31.56
CA THR J 76 31.37 -0.53 -30.64
C THR J 76 32.58 0.11 -29.99
N ALA J 77 33.11 1.16 -30.62
CA ALA J 77 34.36 1.75 -30.22
C ALA J 77 34.16 3.18 -29.75
N VAL J 78 35.04 3.61 -28.85
CA VAL J 78 35.08 4.98 -28.36
C VAL J 78 36.53 5.44 -28.38
N ALA J 79 36.76 6.67 -28.82
CA ALA J 79 38.11 7.22 -28.88
C ALA J 79 38.05 8.65 -28.37
N GLN J 80 38.83 8.93 -27.33
CA GLN J 80 38.87 10.26 -26.73
C GLN J 80 40.28 10.80 -26.75
N LYS J 81 40.39 12.13 -26.73
CA LYS J 81 41.69 12.78 -26.72
C LYS J 81 41.49 14.21 -26.22
N THR J 82 42.16 14.54 -25.12
CA THR J 82 42.06 15.85 -24.49
C THR J 82 40.61 16.17 -24.14
N VAL J 83 39.97 15.21 -23.49
CA VAL J 83 38.61 15.35 -23.00
C VAL J 83 38.68 15.62 -21.51
N GLU J 84 37.86 16.55 -21.03
CA GLU J 84 38.01 17.06 -19.67
C GLU J 84 36.65 17.36 -19.07
N GLY J 85 36.29 16.58 -18.05
CA GLY J 85 35.23 16.98 -17.15
C GLY J 85 33.87 16.37 -17.42
N ALA J 86 33.53 15.32 -16.68
CA ALA J 86 32.16 14.80 -16.64
C ALA J 86 31.95 14.22 -15.26
N GLY J 87 31.44 15.04 -14.35
CA GLY J 87 31.27 14.63 -12.98
C GLY J 87 30.08 15.31 -12.37
N SER J 88 29.42 14.60 -11.45
CA SER J 88 28.25 15.12 -10.76
C SER J 88 28.66 15.65 -9.40
N ILE J 89 28.41 16.93 -9.17
CA ILE J 89 28.78 17.61 -7.93
C ILE J 89 27.49 17.99 -7.21
N ALA J 90 27.49 17.86 -5.89
CA ALA J 90 26.35 18.24 -5.08
C ALA J 90 26.86 18.94 -3.84
N ALA J 91 26.43 20.18 -3.63
CA ALA J 91 26.84 20.96 -2.47
C ALA J 91 25.61 21.43 -1.72
N ALA J 92 25.67 21.34 -0.40
CA ALA J 92 24.56 21.75 0.45
C ALA J 92 25.10 22.46 1.67
N THR J 93 24.43 23.53 2.09
CA THR J 93 24.83 24.32 3.24
C THR J 93 23.60 24.89 3.90
N GLY J 94 23.51 24.76 5.22
CA GLY J 94 22.33 25.22 5.93
C GLY J 94 22.62 25.48 7.38
N PHE J 95 21.74 26.27 7.98
CA PHE J 95 21.80 26.57 9.42
C PHE J 95 23.15 27.15 9.79
N VAL J 96 23.54 28.19 9.07
CA VAL J 96 24.76 28.93 9.34
C VAL J 96 24.38 30.24 10.00
N LYS J 97 25.10 30.60 11.05
CA LYS J 97 24.85 31.85 11.77
C LYS J 97 26.16 32.63 11.80
N LYS J 98 26.44 33.35 10.73
CA LYS J 98 27.60 34.22 10.65
C LYS J 98 27.25 35.59 11.20
N ASP J 99 27.74 35.88 12.40
CA ASP J 99 27.37 37.09 13.11
C ASP J 99 28.56 38.03 13.24
N MET K 2 7.74 0.02 6.31
CA MET K 2 8.77 -0.59 5.48
C MET K 2 9.57 0.48 4.74
N ASP K 3 10.56 1.07 5.43
CA ASP K 3 11.42 2.06 4.82
C ASP K 3 12.65 1.36 4.24
N VAL K 4 12.73 1.27 2.91
CA VAL K 4 13.67 0.33 2.33
C VAL K 4 14.97 0.99 1.88
N PHE K 5 14.90 1.89 0.90
CA PHE K 5 16.11 2.51 0.38
C PHE K 5 16.12 4.00 0.71
N MET K 6 17.10 4.43 1.48
CA MET K 6 17.15 5.80 1.94
C MET K 6 18.57 6.32 1.86
N LYS K 7 18.70 7.60 1.54
CA LYS K 7 20.00 8.27 1.50
C LYS K 7 19.77 9.66 2.11
N GLY K 8 19.97 9.77 3.42
CA GLY K 8 19.73 11.01 4.11
C GLY K 8 19.20 10.81 5.50
N LEU K 9 18.26 11.64 5.93
CA LEU K 9 17.67 11.50 7.26
C LEU K 9 16.34 10.77 7.15
N SER K 10 16.16 9.74 7.95
CA SER K 10 14.92 8.97 8.00
C SER K 10 14.53 8.86 9.47
N LYS K 11 13.44 9.53 9.84
CA LYS K 11 13.00 9.60 11.23
C LYS K 11 14.11 10.13 12.13
N ALA K 12 14.74 11.22 11.72
CA ALA K 12 15.89 11.75 12.44
C ALA K 12 15.74 13.25 12.64
N LYS K 13 16.76 13.84 13.23
CA LYS K 13 16.80 15.27 13.50
C LYS K 13 18.23 15.77 13.40
N GLU K 14 18.39 16.94 12.80
CA GLU K 14 19.64 17.67 12.86
C GLU K 14 20.81 16.86 12.29
N GLY K 15 20.72 16.57 11.00
CA GLY K 15 21.72 15.77 10.33
C GLY K 15 22.43 16.54 9.24
N VAL K 16 23.69 16.17 9.01
CA VAL K 16 24.49 16.71 7.90
C VAL K 16 25.03 15.49 7.17
N VAL K 17 24.46 15.18 6.02
CA VAL K 17 24.77 13.97 5.29
C VAL K 17 25.31 14.33 3.92
N ALA K 18 26.38 13.65 3.51
CA ALA K 18 26.95 13.82 2.17
C ALA K 18 27.23 12.44 1.60
N ALA K 19 26.59 12.13 0.48
CA ALA K 19 26.72 10.82 -0.15
C ALA K 19 27.12 10.98 -1.61
N ALA K 20 28.15 10.25 -2.00
CA ALA K 20 28.61 10.21 -3.39
C ALA K 20 28.07 8.96 -4.06
N GLU K 21 28.46 8.73 -5.30
CA GLU K 21 27.96 7.59 -6.04
C GLU K 21 29.05 7.11 -6.99
N LYS K 22 28.76 6.01 -7.69
CA LYS K 22 29.77 5.30 -8.47
C LYS K 22 30.30 6.15 -9.61
N THR K 23 31.47 5.77 -10.11
CA THR K 23 32.08 6.42 -11.26
C THR K 23 32.55 5.36 -12.23
N LYS K 24 32.72 5.76 -13.49
CA LYS K 24 33.24 4.88 -14.53
C LYS K 24 34.08 5.72 -15.48
N GLN K 25 35.29 5.28 -15.74
CA GLN K 25 36.19 5.95 -16.69
C GLN K 25 36.95 4.88 -17.44
N GLY K 26 36.65 4.73 -18.72
CA GLY K 26 37.30 3.71 -19.51
C GLY K 26 36.82 2.33 -19.14
N VAL K 27 35.56 2.05 -19.38
CA VAL K 27 34.96 0.76 -19.08
C VAL K 27 34.36 0.19 -20.36
N ALA K 28 34.61 -1.09 -20.60
CA ALA K 28 34.04 -1.79 -21.74
C ALA K 28 33.35 -3.04 -21.23
N GLU K 29 32.03 -3.02 -21.18
CA GLU K 29 31.23 -4.16 -20.75
C GLU K 29 30.60 -4.82 -21.96
N ALA K 30 30.37 -6.13 -21.86
CA ALA K 30 29.76 -6.87 -22.95
C ALA K 30 28.82 -7.92 -22.36
N ALA K 31 27.53 -7.81 -22.69
CA ALA K 31 26.53 -8.80 -22.32
C ALA K 31 26.46 -8.99 -20.81
N GLY K 32 26.52 -7.89 -20.06
CA GLY K 32 26.41 -7.94 -18.62
C GLY K 32 25.01 -7.61 -18.14
N LYS K 33 24.66 -8.14 -16.99
CA LYS K 33 23.41 -7.83 -16.31
C LYS K 33 23.71 -7.03 -15.05
N THR K 34 22.69 -6.40 -14.50
CA THR K 34 22.87 -5.55 -13.34
C THR K 34 21.53 -5.29 -12.67
N LYS K 35 21.51 -5.30 -11.35
CA LYS K 35 20.33 -4.94 -10.56
C LYS K 35 20.80 -4.17 -9.35
N GLU K 36 20.42 -2.89 -9.27
CA GLU K 36 20.80 -2.03 -8.16
C GLU K 36 19.55 -1.42 -7.57
N GLY K 37 19.19 -1.85 -6.36
CA GLY K 37 18.01 -1.30 -5.73
C GLY K 37 16.74 -1.90 -6.28
N VAL K 38 16.62 -3.21 -6.20
CA VAL K 38 15.45 -3.93 -6.67
C VAL K 38 14.74 -4.52 -5.46
N LEU K 39 13.42 -4.38 -5.42
CA LEU K 39 12.63 -4.84 -4.29
C LEU K 39 11.38 -5.53 -4.80
N TYR K 40 11.24 -6.82 -4.51
CA TYR K 40 10.05 -7.58 -4.83
C TYR K 40 9.25 -7.83 -3.57
N VAL K 41 7.92 -7.70 -3.67
CA VAL K 41 7.02 -7.96 -2.56
C VAL K 41 5.88 -8.82 -3.09
N GLY K 42 5.83 -10.07 -2.66
CA GLY K 42 4.77 -10.95 -3.09
C GLY K 42 4.69 -11.20 -4.57
N SER K 43 5.76 -10.91 -5.31
CA SER K 43 5.76 -11.05 -6.76
C SER K 43 6.32 -12.41 -7.16
N LYS K 44 6.10 -12.76 -8.42
CA LYS K 44 6.59 -14.03 -8.96
C LYS K 44 7.11 -13.79 -10.36
N THR K 45 8.40 -14.01 -10.57
CA THR K 45 9.04 -13.68 -11.83
C THR K 45 9.70 -14.91 -12.44
N LYS K 46 10.15 -14.75 -13.68
CA LYS K 46 10.89 -15.78 -14.39
C LYS K 46 11.71 -15.07 -15.46
N GLU K 47 13.00 -14.90 -15.20
CA GLU K 47 13.85 -14.05 -16.01
C GLU K 47 14.98 -14.86 -16.63
N GLY K 48 15.29 -14.57 -17.88
CA GLY K 48 16.48 -15.09 -18.52
C GLY K 48 16.58 -16.59 -18.58
N VAL K 49 15.70 -17.24 -19.34
CA VAL K 49 15.79 -18.68 -19.52
C VAL K 49 16.03 -18.96 -20.99
N VAL K 50 16.72 -20.07 -21.26
CA VAL K 50 16.96 -20.55 -22.61
C VAL K 50 16.58 -22.01 -22.63
N HIS K 51 15.60 -22.36 -23.46
CA HIS K 51 14.94 -23.64 -23.35
C HIS K 51 14.70 -24.22 -24.74
N GLY K 52 14.93 -25.52 -24.87
CA GLY K 52 14.62 -26.22 -26.10
C GLY K 52 15.37 -25.73 -27.32
N VAL K 53 16.68 -25.95 -27.35
CA VAL K 53 17.52 -25.56 -28.46
C VAL K 53 18.03 -26.82 -29.15
N ALA K 54 17.92 -26.86 -30.47
CA ALA K 54 18.41 -27.97 -31.26
C ALA K 54 19.31 -27.45 -32.36
N THR K 55 20.25 -28.28 -32.81
CA THR K 55 21.18 -27.88 -33.86
C THR K 55 21.68 -29.14 -34.53
N VAL K 56 21.46 -29.26 -35.84
CA VAL K 56 21.84 -30.44 -36.60
C VAL K 56 22.76 -30.01 -37.72
N ALA K 57 23.76 -30.84 -38.00
CA ALA K 57 24.66 -30.64 -39.13
C ALA K 57 24.84 -31.97 -39.84
N GLU K 58 25.00 -31.91 -41.15
CA GLU K 58 25.18 -33.12 -41.93
C GLU K 58 25.90 -32.79 -43.21
N LYS K 59 27.09 -33.35 -43.38
CA LYS K 59 27.90 -33.16 -44.58
C LYS K 59 28.20 -31.70 -44.87
N THR K 60 28.02 -30.83 -43.87
CA THR K 60 28.32 -29.42 -44.04
C THR K 60 29.78 -29.14 -43.72
N LYS K 61 30.30 -28.06 -44.30
CA LYS K 61 31.70 -27.72 -44.14
C LYS K 61 31.96 -26.80 -42.96
N GLU K 62 30.96 -26.08 -42.48
CA GLU K 62 31.16 -25.18 -41.35
C GLU K 62 29.81 -24.72 -40.85
N GLN K 63 29.67 -24.64 -39.52
CA GLN K 63 28.44 -24.17 -38.90
C GLN K 63 28.78 -23.50 -37.59
N VAL K 64 28.46 -22.22 -37.47
CA VAL K 64 28.75 -21.46 -36.27
C VAL K 64 27.43 -20.87 -35.79
N THR K 65 26.99 -21.29 -34.61
CA THR K 65 25.72 -20.85 -34.06
C THR K 65 25.91 -20.32 -32.65
N ASN K 66 25.15 -19.28 -32.31
CA ASN K 66 25.15 -18.72 -30.97
C ASN K 66 23.71 -18.50 -30.54
N VAL K 67 23.36 -19.03 -29.38
CA VAL K 67 22.05 -18.81 -28.77
C VAL K 67 22.28 -18.34 -27.36
N GLY K 68 21.44 -17.43 -26.88
CA GLY K 68 21.62 -16.94 -25.54
C GLY K 68 20.69 -15.78 -25.23
N GLY K 69 20.83 -15.28 -24.01
CA GLY K 69 20.12 -14.07 -23.65
C GLY K 69 20.71 -12.84 -24.29
N ALA K 70 22.01 -12.84 -24.52
CA ALA K 70 22.68 -11.72 -25.17
C ALA K 70 23.94 -12.24 -25.84
N VAL K 71 24.01 -12.10 -27.15
CA VAL K 71 25.14 -12.60 -27.94
C VAL K 71 25.91 -11.41 -28.45
N VAL K 72 27.20 -11.37 -28.16
CA VAL K 72 28.08 -10.30 -28.62
C VAL K 72 29.24 -10.94 -29.35
N THR K 73 29.33 -10.68 -30.65
CA THR K 73 30.38 -11.25 -31.50
C THR K 73 31.00 -10.09 -32.26
N GLY K 74 31.97 -9.42 -31.64
CA GLY K 74 32.55 -8.26 -32.27
C GLY K 74 33.57 -7.62 -31.35
N VAL K 75 33.88 -6.37 -31.64
CA VAL K 75 34.88 -5.62 -30.90
C VAL K 75 34.18 -4.56 -30.07
N THR K 76 34.46 -4.53 -28.78
CA THR K 76 33.97 -3.51 -27.86
C THR K 76 35.20 -2.87 -27.23
N ALA K 77 35.73 -1.83 -27.88
CA ALA K 77 37.00 -1.25 -27.48
C ALA K 77 36.81 0.19 -27.02
N VAL K 78 37.70 0.62 -26.13
CA VAL K 78 37.76 1.99 -25.67
C VAL K 78 39.21 2.43 -25.70
N ALA K 79 39.45 3.65 -26.16
CA ALA K 79 40.80 4.20 -26.23
C ALA K 79 40.76 5.63 -25.72
N GLN K 80 41.56 5.92 -24.69
CA GLN K 80 41.61 7.24 -24.11
C GLN K 80 43.03 7.77 -24.15
N LYS K 81 43.15 9.10 -24.13
CA LYS K 81 44.45 9.74 -24.15
C LYS K 81 44.28 11.16 -23.66
N THR K 82 44.96 11.52 -22.56
CA THR K 82 44.87 12.83 -21.95
C THR K 82 43.43 13.16 -21.59
N VAL K 83 42.79 12.21 -20.92
CA VAL K 83 41.43 12.36 -20.42
C VAL K 83 41.52 12.65 -18.94
N GLU K 84 40.71 13.60 -18.46
CA GLU K 84 40.88 14.12 -17.11
C GLU K 84 39.52 14.42 -16.49
N GLY K 85 39.16 13.67 -15.47
CA GLY K 85 38.11 14.09 -14.57
C GLY K 85 36.74 13.48 -14.82
N ALA K 86 36.40 12.46 -14.06
CA ALA K 86 35.03 11.94 -14.02
C ALA K 86 34.82 11.38 -12.62
N GLY K 87 34.33 12.21 -11.72
CA GLY K 87 34.16 11.82 -10.34
C GLY K 87 32.96 12.51 -9.73
N SER K 88 32.33 11.83 -8.80
CA SER K 88 31.15 12.35 -8.10
C SER K 88 31.59 12.89 -6.75
N ILE K 89 31.36 14.18 -6.54
CA ILE K 89 31.73 14.86 -5.31
C ILE K 89 30.46 15.27 -4.58
N ALA K 90 30.47 15.15 -3.26
CA ALA K 90 29.34 15.54 -2.44
C ALA K 90 29.87 16.25 -1.21
N ALA K 91 29.45 17.50 -1.00
CA ALA K 91 29.87 18.29 0.14
C ALA K 91 28.65 18.77 0.90
N ALA K 92 28.72 18.70 2.22
CA ALA K 92 27.61 19.12 3.08
C ALA K 92 28.18 19.85 4.29
N THR K 93 27.51 20.91 4.69
CA THR K 93 27.94 21.71 5.83
C THR K 93 26.72 22.30 6.50
N GLY K 94 26.63 22.19 7.81
CA GLY K 94 25.47 22.66 8.53
C GLY K 94 25.76 22.93 9.98
N PHE K 95 24.90 23.75 10.59
CA PHE K 95 24.97 24.05 12.01
C PHE K 95 26.34 24.62 12.38
N VAL K 96 26.74 25.65 11.64
CA VAL K 96 27.96 26.38 11.89
C VAL K 96 27.59 27.70 12.54
N LYS K 97 28.33 28.07 13.59
CA LYS K 97 28.10 29.33 14.29
C LYS K 97 29.41 30.09 14.31
N LYS K 98 29.69 30.80 13.23
CA LYS K 98 30.87 31.65 13.13
C LYS K 98 30.53 33.03 13.67
N ASP K 99 31.03 33.33 14.87
CA ASP K 99 30.68 34.54 15.57
C ASP K 99 31.88 35.47 15.68
N MET L 2 10.65 -2.42 9.28
CA MET L 2 11.67 -3.03 8.44
C MET L 2 12.48 -1.98 7.69
N ASP L 3 13.46 -1.41 8.36
CA ASP L 3 14.34 -0.42 7.74
C ASP L 3 15.56 -1.13 7.16
N VAL L 4 15.63 -1.23 5.84
CA VAL L 4 16.55 -2.19 5.24
C VAL L 4 17.85 -1.55 4.78
N PHE L 5 17.79 -0.65 3.80
CA PHE L 5 18.99 -0.04 3.26
C PHE L 5 19.01 1.44 3.58
N MET L 6 20.02 1.87 4.33
CA MET L 6 20.08 3.24 4.79
C MET L 6 21.50 3.75 4.69
N LYS L 7 21.64 5.03 4.36
CA LYS L 7 22.95 5.69 4.30
C LYS L 7 22.74 7.08 4.91
N GLY L 8 22.95 7.18 6.21
CA GLY L 8 22.73 8.45 6.89
C GLY L 8 22.20 8.26 8.30
N LEU L 9 21.27 9.10 8.73
CA LEU L 9 20.69 8.99 10.05
C LEU L 9 19.35 8.28 9.96
N SER L 10 19.18 7.24 10.77
CA SER L 10 17.93 6.49 10.84
C SER L 10 17.54 6.39 12.30
N LYS L 11 16.47 7.08 12.68
CA LYS L 11 16.04 7.17 14.07
C LYS L 11 17.16 7.69 14.96
N ALA L 12 17.79 8.77 14.53
CA ALA L 12 18.95 9.29 15.23
C ALA L 12 18.81 10.79 15.42
N LYS L 13 19.86 11.39 16.01
CA LYS L 13 19.90 12.81 16.27
C LYS L 13 21.34 13.29 16.16
N GLU L 14 21.51 14.45 15.54
CA GLU L 14 22.77 15.19 15.58
C GLU L 14 23.92 14.36 15.02
N GLY L 15 23.82 14.06 13.73
CA GLY L 15 24.80 13.24 13.05
C GLY L 15 25.51 14.00 11.95
N VAL L 16 26.77 13.61 11.71
CA VAL L 16 27.57 14.13 10.61
C VAL L 16 28.09 12.91 9.88
N VAL L 17 27.50 12.58 8.74
CA VAL L 17 27.80 11.35 8.01
C VAL L 17 28.34 11.71 6.64
N ALA L 18 29.39 11.02 6.21
CA ALA L 18 29.95 11.17 4.88
C ALA L 18 30.21 9.78 4.32
N ALA L 19 29.57 9.47 3.19
CA ALA L 19 29.67 8.16 2.59
C ALA L 19 30.06 8.29 1.12
N ALA L 20 31.08 7.56 0.72
CA ALA L 20 31.53 7.50 -0.66
C ALA L 20 30.98 6.24 -1.32
N GLU L 21 31.37 6.01 -2.56
CA GLU L 21 30.84 4.86 -3.29
C GLU L 21 31.92 4.36 -4.24
N LYS L 22 31.62 3.26 -4.93
CA LYS L 22 32.62 2.53 -5.70
C LYS L 22 33.13 3.37 -6.87
N THR L 23 34.30 2.98 -7.37
CA THR L 23 34.92 3.60 -8.53
C THR L 23 35.38 2.53 -9.49
N LYS L 24 35.52 2.91 -10.76
CA LYS L 24 36.04 2.03 -11.79
C LYS L 24 36.87 2.85 -12.76
N GLN L 25 38.09 2.39 -13.01
CA GLN L 25 38.97 3.05 -13.98
C GLN L 25 39.73 1.97 -14.73
N GLY L 26 39.41 1.81 -16.01
CA GLY L 26 40.05 0.77 -16.79
C GLY L 26 39.56 -0.61 -16.41
N VAL L 27 38.29 -0.88 -16.64
CA VAL L 27 37.68 -2.15 -16.32
C VAL L 27 37.07 -2.72 -17.58
N ALA L 28 37.31 -4.02 -17.82
CA ALA L 28 36.71 -4.71 -18.95
C ALA L 28 36.03 -5.96 -18.42
N GLU L 29 34.70 -5.93 -18.36
CA GLU L 29 33.90 -7.05 -17.91
C GLU L 29 33.25 -7.72 -19.12
N ALA L 30 33.00 -9.02 -19.01
CA ALA L 30 32.38 -9.77 -20.08
C ALA L 30 31.44 -10.80 -19.49
N ALA L 31 30.15 -10.68 -19.81
CA ALA L 31 29.14 -11.66 -19.41
C ALA L 31 29.09 -11.83 -17.90
N GLY L 32 29.15 -10.73 -17.17
CA GLY L 32 29.05 -10.76 -15.72
C GLY L 32 27.66 -10.42 -15.24
N LYS L 33 27.31 -10.94 -14.07
CA LYS L 33 26.07 -10.60 -13.39
C LYS L 33 26.39 -9.81 -12.13
N THR L 34 25.37 -9.14 -11.58
CA THR L 34 25.59 -8.29 -10.43
C THR L 34 24.25 -8.02 -9.77
N LYS L 35 24.24 -8.02 -8.43
CA LYS L 35 23.07 -7.63 -7.65
C LYS L 35 23.55 -6.85 -6.44
N GLU L 36 23.18 -5.58 -6.37
CA GLU L 36 23.58 -4.71 -5.27
C GLU L 36 22.33 -4.08 -4.67
N GLY L 37 21.98 -4.49 -3.46
CA GLY L 37 20.82 -3.93 -2.82
C GLY L 37 19.54 -4.52 -3.37
N VAL L 38 19.40 -5.84 -3.27
CA VAL L 38 18.22 -6.56 -3.72
C VAL L 38 17.51 -7.13 -2.51
N LEU L 39 16.20 -6.96 -2.46
CA LEU L 39 15.41 -7.41 -1.31
C LEU L 39 14.15 -8.09 -1.82
N TYR L 40 14.01 -9.38 -1.50
CA TYR L 40 12.80 -10.13 -1.82
C TYR L 40 12.01 -10.36 -0.55
N VAL L 41 10.68 -10.21 -0.64
CA VAL L 41 9.79 -10.46 0.48
C VAL L 41 8.64 -11.31 -0.04
N GLY L 42 8.58 -12.57 0.40
CA GLY L 42 7.50 -13.43 0.00
C GLY L 42 7.41 -13.69 -1.49
N SER L 43 8.47 -13.42 -2.23
CA SER L 43 8.47 -13.58 -3.68
C SER L 43 9.01 -14.94 -4.07
N LYS L 44 8.78 -15.31 -5.32
CA LYS L 44 9.25 -16.58 -5.85
C LYS L 44 9.76 -16.35 -7.26
N THR L 45 11.05 -16.59 -7.48
CA THR L 45 11.68 -16.28 -8.76
C THR L 45 12.33 -17.52 -9.36
N LYS L 46 12.77 -17.37 -10.60
CA LYS L 46 13.49 -18.43 -11.31
C LYS L 46 14.31 -17.73 -12.39
N GLU L 47 15.61 -17.57 -12.14
CA GLU L 47 16.46 -16.73 -12.96
C GLU L 47 17.58 -17.56 -13.58
N GLY L 48 17.88 -17.28 -14.84
CA GLY L 48 19.06 -17.81 -15.48
C GLY L 48 19.14 -19.33 -15.53
N VAL L 49 18.25 -19.97 -16.27
CA VAL L 49 18.33 -21.41 -16.46
C VAL L 49 18.55 -21.71 -17.92
N VAL L 50 19.23 -22.82 -18.18
CA VAL L 50 19.46 -23.32 -19.53
C VAL L 50 19.06 -24.78 -19.53
N HIS L 51 18.07 -25.12 -20.35
CA HIS L 51 17.40 -26.40 -20.22
C HIS L 51 17.14 -26.98 -21.60
N GLY L 52 17.37 -28.29 -21.74
CA GLY L 52 17.03 -29.00 -22.95
C GLY L 52 17.78 -28.54 -24.18
N VAL L 53 19.09 -28.75 -24.21
CA VAL L 53 19.92 -28.38 -25.35
C VAL L 53 20.42 -29.65 -26.02
N ALA L 54 20.30 -29.71 -27.34
CA ALA L 54 20.78 -30.83 -28.12
C ALA L 54 21.67 -30.31 -29.24
N THR L 55 22.59 -31.17 -29.68
CA THR L 55 23.51 -30.79 -30.75
C THR L 55 24.01 -32.06 -31.41
N VAL L 56 23.78 -32.18 -32.71
CA VAL L 56 24.13 -33.37 -33.47
C VAL L 56 25.06 -32.97 -34.60
N ALA L 57 26.04 -33.80 -34.88
CA ALA L 57 26.94 -33.62 -36.01
C ALA L 57 27.09 -34.95 -36.71
N GLU L 58 27.25 -34.91 -38.03
CA GLU L 58 27.41 -36.14 -38.79
C GLU L 58 28.13 -35.81 -40.09
N LYS L 59 29.32 -36.39 -40.26
CA LYS L 59 30.12 -36.22 -41.47
C LYS L 59 30.42 -34.76 -41.77
N THR L 60 30.27 -33.89 -40.79
CA THR L 60 30.57 -32.48 -40.97
C THR L 60 32.04 -32.21 -40.66
N LYS L 61 32.56 -31.14 -41.25
CA LYS L 61 33.97 -30.82 -41.10
C LYS L 61 34.25 -29.89 -39.94
N GLU L 62 33.26 -29.16 -39.46
CA GLU L 62 33.47 -28.25 -38.33
C GLU L 62 32.13 -27.78 -37.82
N GLN L 63 32.01 -27.68 -36.50
CA GLN L 63 30.78 -27.19 -35.88
C GLN L 63 31.13 -26.52 -34.57
N VAL L 64 30.83 -25.23 -34.46
CA VAL L 64 31.13 -24.45 -33.27
C VAL L 64 29.82 -23.85 -32.79
N THR L 65 29.39 -24.25 -31.59
CA THR L 65 28.11 -23.79 -31.04
C THR L 65 28.33 -23.26 -29.63
N ASN L 66 27.59 -22.22 -29.30
CA ASN L 66 27.59 -21.64 -27.96
C ASN L 66 26.16 -21.40 -27.53
N VAL L 67 25.81 -21.92 -26.35
CA VAL L 67 24.51 -21.68 -25.75
C VAL L 67 24.76 -21.19 -24.33
N GLY L 68 23.94 -20.27 -23.87
CA GLY L 68 24.13 -19.77 -22.52
C GLY L 68 23.22 -18.61 -22.21
N GLY L 69 23.37 -18.09 -21.00
CA GLY L 69 22.67 -16.88 -20.64
C GLY L 69 23.26 -15.66 -21.30
N ALA L 70 24.57 -15.67 -21.55
CA ALA L 70 25.24 -14.56 -22.21
C ALA L 70 26.49 -15.11 -22.88
N VAL L 71 26.56 -14.98 -24.20
CA VAL L 71 27.66 -15.50 -24.99
C VAL L 71 28.45 -14.31 -25.52
N VAL L 72 29.74 -14.29 -25.24
CA VAL L 72 30.63 -13.23 -25.70
C VAL L 72 31.78 -13.88 -26.44
N THR L 73 31.86 -13.64 -27.74
CA THR L 73 32.89 -14.22 -28.60
C THR L 73 33.52 -13.08 -29.38
N GLY L 74 34.50 -12.41 -28.77
CA GLY L 74 35.10 -11.26 -29.41
C GLY L 74 36.12 -10.63 -28.51
N VAL L 75 36.44 -9.37 -28.81
CA VAL L 75 37.46 -8.63 -28.08
C VAL L 75 36.76 -7.56 -27.26
N THR L 76 37.07 -7.52 -25.97
CA THR L 76 36.59 -6.48 -25.06
C THR L 76 37.82 -5.84 -24.44
N ALA L 77 38.36 -4.83 -25.10
CA ALA L 77 39.64 -4.25 -24.73
C ALA L 77 39.47 -2.81 -24.27
N VAL L 78 40.37 -2.38 -23.39
CA VAL L 78 40.44 -1.00 -22.93
C VAL L 78 41.90 -0.58 -22.98
N ALA L 79 42.15 0.65 -23.45
CA ALA L 79 43.50 1.18 -23.54
C ALA L 79 43.49 2.61 -23.04
N GLN L 80 44.28 2.89 -22.03
CA GLN L 80 44.36 4.22 -21.45
C GLN L 80 45.78 4.74 -21.51
N LYS L 81 45.91 6.06 -21.51
CA LYS L 81 47.22 6.71 -21.54
C LYS L 81 47.06 8.12 -21.05
N THR L 82 47.76 8.48 -19.97
CA THR L 82 47.70 9.81 -19.37
C THR L 82 46.25 10.15 -18.99
N VAL L 83 45.60 9.21 -18.32
CA VAL L 83 44.25 9.39 -17.81
C VAL L 83 44.35 9.69 -16.32
N GLU L 84 43.55 10.64 -15.85
CA GLU L 84 43.74 11.17 -14.51
C GLU L 84 42.39 11.50 -13.89
N GLY L 85 42.03 10.75 -12.86
CA GLY L 85 40.99 11.18 -11.95
C GLY L 85 39.62 10.59 -12.18
N ALA L 86 39.27 9.57 -11.41
CA ALA L 86 37.90 9.07 -11.35
C ALA L 86 37.69 8.52 -9.95
N GLY L 87 37.20 9.37 -9.06
CA GLY L 87 37.06 8.99 -7.68
C GLY L 87 35.87 9.70 -7.06
N SER L 88 35.22 9.03 -6.11
CA SER L 88 34.07 9.57 -5.42
C SER L 88 34.51 10.13 -4.08
N ILE L 89 34.30 11.42 -3.88
CA ILE L 89 34.69 12.11 -2.65
C ILE L 89 33.43 12.52 -1.91
N ALA L 90 33.45 12.42 -0.59
CA ALA L 90 32.33 12.83 0.24
C ALA L 90 32.87 13.55 1.46
N ALA L 91 32.46 14.79 1.65
CA ALA L 91 32.91 15.58 2.78
C ALA L 91 31.69 16.10 3.55
N ALA L 92 31.77 16.04 4.87
CA ALA L 92 30.68 16.47 5.73
C ALA L 92 31.26 17.20 6.93
N THR L 93 30.60 18.28 7.33
CA THR L 93 31.05 19.08 8.46
C THR L 93 29.84 19.69 9.13
N GLY L 94 29.76 19.59 10.45
CA GLY L 94 28.60 20.08 11.17
C GLY L 94 28.92 20.37 12.61
N PHE L 95 28.07 21.18 13.22
CA PHE L 95 28.15 21.50 14.63
C PHE L 95 29.52 22.07 15.00
N VAL L 96 29.92 23.08 14.25
CA VAL L 96 31.16 23.80 14.48
C VAL L 96 30.81 25.14 15.12
N LYS L 97 31.55 25.50 16.16
CA LYS L 97 31.35 26.77 16.85
C LYS L 97 32.67 27.52 16.85
N LYS L 98 32.94 28.22 15.76
CA LYS L 98 34.12 29.06 15.65
C LYS L 98 33.80 30.44 16.18
N ASP L 99 34.32 30.75 17.37
CA ASP L 99 33.98 31.97 18.06
C ASP L 99 35.20 32.89 18.16
#